data_1E50
#
_entry.id   1E50
#
_cell.length_a   103.260
_cell.length_b   79.380
_cell.length_c   130.100
_cell.angle_alpha   90.00
_cell.angle_beta   101.39
_cell.angle_gamma   90.00
#
_symmetry.space_group_name_H-M   'P 1 21 1'
#
loop_
_entity.id
_entity.type
_entity.pdbx_description
1 polymer 'CORE-BINDING FACTOR ALPHA SUBUNIT'
2 polymer 'CORE-BINDING FACTOR CBF-BETA'
3 water water
#
loop_
_entity_poly.entity_id
_entity_poly.type
_entity_poly.pdbx_seq_one_letter_code
_entity_poly.pdbx_strand_id
1 'polypeptide(L)'
;SMVEVLADHPGELVRTDSPNFLCSVLPTHWRCNKTLPIAFKVVALGDVPDGTLVTVMAGNDENYSAELRNATAAMKNQVA
RFNDLRFVGRSGRGKSFTLTITVFTNPPQVATYHRAIKITVDGPREPRRHRQKL
;
A,C,E,G,Q,R
2 'polypeptide(L)'
;PRVVPDQRSKFENEEFFRKLSRECEIKYTGFRDRPHEERQARFQNACRDGRSEIAFVATGTNLSLQFFPASWQGEQRQTP
SREYVDLEREAGKVYLKAPMILNGVCVIWKGWIDLQRLDGMGCLEFDEERAQQE
;
B,D,F,H
#
# COMPACT_ATOMS: atom_id res chain seq x y z
N PRO A 10 -31.20 23.58 -12.57
CA PRO A 10 -29.81 23.95 -12.91
C PRO A 10 -29.70 24.45 -14.36
N GLY A 11 -30.68 24.09 -15.18
CA GLY A 11 -30.69 24.53 -16.57
C GLY A 11 -29.56 24.01 -17.43
N GLU A 12 -29.20 24.77 -18.45
CA GLU A 12 -28.12 24.37 -19.35
C GLU A 12 -26.75 24.68 -18.73
N LEU A 13 -25.85 23.70 -18.75
CA LEU A 13 -24.55 23.89 -18.14
C LEU A 13 -23.39 23.52 -19.03
N VAL A 14 -22.24 24.07 -18.69
CA VAL A 14 -21.00 23.82 -19.42
C VAL A 14 -19.96 23.53 -18.35
N ARG A 15 -18.82 22.97 -18.77
CA ARG A 15 -17.77 22.69 -17.82
C ARG A 15 -16.98 23.98 -17.68
N THR A 16 -16.29 24.15 -16.56
CA THR A 16 -15.46 25.34 -16.37
C THR A 16 -14.07 24.75 -16.57
N ASP A 17 -13.01 25.51 -16.33
CA ASP A 17 -11.68 24.94 -16.51
C ASP A 17 -11.28 24.12 -15.28
N SER A 18 -12.14 24.11 -14.27
CA SER A 18 -11.90 23.33 -13.06
C SER A 18 -12.73 22.07 -13.15
N PRO A 19 -12.17 20.95 -12.69
CA PRO A 19 -12.90 19.68 -12.74
C PRO A 19 -13.96 19.57 -11.64
N ASN A 20 -14.07 20.61 -10.84
CA ASN A 20 -15.02 20.57 -9.74
C ASN A 20 -16.25 21.44 -9.98
N PHE A 21 -16.21 22.25 -11.03
CA PHE A 21 -17.34 23.12 -11.29
C PHE A 21 -17.89 23.23 -12.70
N LEU A 22 -19.19 23.46 -12.74
CA LEU A 22 -19.95 23.67 -13.95
C LEU A 22 -20.62 25.00 -13.70
N CYS A 23 -20.93 25.72 -14.77
CA CYS A 23 -21.68 26.96 -14.60
C CYS A 23 -22.70 27.04 -15.73
N SER A 24 -23.63 27.97 -15.63
CA SER A 24 -24.63 28.12 -16.66
C SER A 24 -23.97 28.50 -17.97
N VAL A 25 -24.69 28.28 -19.07
CA VAL A 25 -24.20 28.68 -20.38
C VAL A 25 -24.58 30.15 -20.44
N LEU A 26 -23.63 30.99 -20.82
CA LEU A 26 -23.88 32.40 -20.92
C LEU A 26 -24.10 32.82 -22.36
N PRO A 27 -24.85 33.90 -22.57
CA PRO A 27 -25.06 34.34 -23.95
C PRO A 27 -23.68 34.61 -24.56
N THR A 28 -23.49 34.23 -25.83
CA THR A 28 -22.22 34.46 -26.49
C THR A 28 -21.90 35.94 -26.55
N HIS A 29 -22.93 36.76 -26.72
CA HIS A 29 -22.80 38.22 -26.80
C HIS A 29 -23.99 38.81 -26.04
N TRP A 30 -23.74 39.85 -25.26
CA TRP A 30 -24.82 40.46 -24.50
C TRP A 30 -24.59 41.94 -24.27
N ARG A 31 -25.69 42.66 -24.01
CA ARG A 31 -25.68 44.09 -23.78
C ARG A 31 -25.24 44.49 -22.37
N CYS A 32 -24.45 45.55 -22.30
CA CYS A 32 -23.98 46.08 -21.03
C CYS A 32 -25.14 46.41 -20.10
N ASN A 33 -25.01 45.96 -18.86
CA ASN A 33 -26.00 46.18 -17.80
C ASN A 33 -27.40 45.62 -18.01
N LYS A 34 -27.54 44.70 -18.96
CA LYS A 34 -28.82 44.08 -19.26
C LYS A 34 -28.91 42.71 -18.56
N THR A 35 -30.04 42.45 -17.90
CA THR A 35 -30.25 41.20 -17.19
C THR A 35 -30.00 40.01 -18.12
N LEU A 36 -29.47 38.93 -17.57
CA LEU A 36 -29.18 37.75 -18.37
C LEU A 36 -30.44 36.95 -18.68
N PRO A 37 -30.48 36.29 -19.84
CA PRO A 37 -31.63 35.47 -20.25
C PRO A 37 -31.90 34.30 -19.28
N ILE A 38 -30.89 33.98 -18.48
CA ILE A 38 -31.00 32.91 -17.49
C ILE A 38 -30.28 33.31 -16.23
N ALA A 39 -30.71 32.79 -15.09
CA ALA A 39 -30.04 33.10 -13.83
C ALA A 39 -28.67 32.41 -13.88
N PHE A 40 -27.59 33.17 -13.66
CA PHE A 40 -26.28 32.54 -13.68
C PHE A 40 -26.11 31.57 -12.50
N LYS A 41 -25.73 30.33 -12.83
CA LYS A 41 -25.54 29.29 -11.85
C LYS A 41 -24.17 28.61 -11.92
N VAL A 42 -23.56 28.41 -10.76
CA VAL A 42 -22.27 27.73 -10.68
C VAL A 42 -22.60 26.43 -9.94
N VAL A 43 -22.40 25.31 -10.61
CA VAL A 43 -22.71 24.04 -9.99
C VAL A 43 -21.44 23.32 -9.50
N ALA A 44 -21.43 22.95 -8.23
CA ALA A 44 -20.28 22.25 -7.68
C ALA A 44 -20.45 20.75 -7.81
N LEU A 45 -19.43 20.06 -8.32
CA LEU A 45 -19.57 18.62 -8.45
C LEU A 45 -19.31 18.01 -7.07
N GLY A 46 -18.05 18.03 -6.64
CA GLY A 46 -17.71 17.48 -5.34
C GLY A 46 -18.41 18.25 -4.23
N ASP A 47 -18.59 17.60 -3.09
CA ASP A 47 -19.24 18.20 -1.94
C ASP A 47 -18.68 19.59 -1.59
N VAL A 48 -19.57 20.53 -1.33
CA VAL A 48 -19.20 21.87 -0.91
C VAL A 48 -20.31 22.27 0.06
N PRO A 49 -19.93 22.58 1.30
CA PRO A 49 -20.96 22.96 2.28
C PRO A 49 -21.85 24.12 1.90
N ASP A 50 -23.12 24.00 2.28
CA ASP A 50 -24.09 25.06 2.01
C ASP A 50 -23.54 26.32 2.66
N GLY A 51 -23.91 27.46 2.11
CA GLY A 51 -23.46 28.72 2.67
C GLY A 51 -22.12 29.18 2.14
N THR A 52 -21.36 28.28 1.51
CA THR A 52 -20.07 28.67 0.96
C THR A 52 -20.26 29.78 -0.08
N LEU A 53 -19.55 30.88 0.11
CA LEU A 53 -19.65 32.00 -0.79
C LEU A 53 -18.96 31.77 -2.13
N VAL A 54 -19.61 32.24 -3.18
CA VAL A 54 -19.10 32.12 -4.54
C VAL A 54 -19.16 33.50 -5.16
N THR A 55 -18.17 33.84 -5.98
CA THR A 55 -18.14 35.14 -6.65
C THR A 55 -17.67 34.98 -8.09
N VAL A 56 -18.12 35.89 -8.94
CA VAL A 56 -17.72 35.88 -10.34
C VAL A 56 -17.03 37.19 -10.62
N MET A 57 -15.94 37.11 -11.39
CA MET A 57 -15.18 38.28 -11.81
C MET A 57 -14.88 38.09 -13.29
N ALA A 58 -14.80 39.19 -14.03
CA ALA A 58 -14.53 39.11 -15.46
C ALA A 58 -13.40 40.01 -15.91
N GLY A 59 -12.73 39.59 -16.99
CA GLY A 59 -11.63 40.36 -17.53
C GLY A 59 -11.09 39.80 -18.84
N ASN A 60 -10.08 40.47 -19.38
CA ASN A 60 -9.39 40.06 -20.61
C ASN A 60 -8.25 41.06 -20.86
N ASP A 61 -7.54 40.88 -21.96
CA ASP A 61 -6.42 41.77 -22.29
C ASP A 61 -6.79 43.26 -22.19
N GLU A 62 -7.93 43.65 -22.75
CA GLU A 62 -8.35 45.04 -22.71
C GLU A 62 -8.88 45.48 -21.34
N ASN A 63 -10.01 44.93 -20.92
CA ASN A 63 -10.59 45.27 -19.63
C ASN A 63 -10.21 44.17 -18.63
N TYR A 64 -9.13 44.41 -17.90
CA TYR A 64 -8.59 43.45 -16.93
C TYR A 64 -9.50 43.13 -15.74
N SER A 65 -10.53 43.95 -15.51
CA SER A 65 -11.42 43.69 -14.40
C SER A 65 -12.76 44.40 -14.56
N ALA A 66 -13.59 43.85 -15.46
CA ALA A 66 -14.91 44.39 -15.76
C ALA A 66 -15.78 44.53 -14.53
N GLU A 67 -16.57 45.61 -14.49
CA GLU A 67 -17.47 45.83 -13.37
C GLU A 67 -18.68 44.90 -13.50
N LEU A 68 -19.08 44.31 -12.38
CA LEU A 68 -20.20 43.40 -12.38
C LEU A 68 -21.23 43.80 -11.34
N ARG A 69 -22.41 43.22 -11.50
CA ARG A 69 -23.52 43.47 -10.61
C ARG A 69 -24.02 42.15 -10.03
N ASN A 70 -24.22 42.13 -8.71
CA ASN A 70 -24.70 40.92 -8.04
C ASN A 70 -23.82 39.72 -8.38
N ALA A 71 -22.51 39.91 -8.25
CA ALA A 71 -21.57 38.85 -8.60
C ALA A 71 -21.19 37.97 -7.40
N THR A 72 -22.08 37.91 -6.41
CA THR A 72 -21.85 37.11 -5.21
C THR A 72 -23.07 36.23 -4.92
N ALA A 73 -22.82 34.99 -4.53
CA ALA A 73 -23.89 34.06 -4.24
C ALA A 73 -23.41 33.02 -3.22
N ALA A 74 -24.31 32.16 -2.79
CA ALA A 74 -23.97 31.14 -1.82
C ALA A 74 -24.50 29.80 -2.25
N MET A 75 -23.74 28.77 -1.91
CA MET A 75 -24.13 27.41 -2.25
C MET A 75 -25.32 26.92 -1.44
N LYS A 76 -26.16 26.13 -2.09
CA LYS A 76 -27.31 25.51 -1.45
C LYS A 76 -27.52 24.26 -2.29
N ASN A 77 -27.06 23.12 -1.75
CA ASN A 77 -27.15 21.81 -2.41
C ASN A 77 -26.32 21.74 -3.68
N GLN A 78 -25.07 22.17 -3.58
CA GLN A 78 -24.14 22.11 -4.70
C GLN A 78 -24.37 23.15 -5.79
N VAL A 79 -25.30 24.07 -5.56
CA VAL A 79 -25.60 25.07 -6.57
C VAL A 79 -25.57 26.49 -6.02
N ALA A 80 -24.79 27.34 -6.65
CA ALA A 80 -24.71 28.73 -6.24
C ALA A 80 -25.46 29.45 -7.35
N ARG A 81 -26.63 29.97 -7.01
CA ARG A 81 -27.45 30.66 -7.97
C ARG A 81 -27.28 32.17 -7.79
N PHE A 82 -26.86 32.86 -8.83
CA PHE A 82 -26.67 34.31 -8.77
C PHE A 82 -27.96 35.05 -9.09
N ASN A 83 -28.28 36.04 -8.25
CA ASN A 83 -29.48 36.86 -8.38
C ASN A 83 -29.14 38.04 -9.30
N ASP A 84 -29.68 38.00 -10.51
CA ASP A 84 -29.48 39.06 -11.50
C ASP A 84 -28.02 39.48 -11.70
N LEU A 85 -27.13 38.50 -11.89
CA LEU A 85 -25.73 38.80 -12.16
C LEU A 85 -25.78 39.71 -13.37
N ARG A 86 -24.86 40.67 -13.45
CA ARG A 86 -24.90 41.58 -14.60
C ARG A 86 -23.55 42.16 -14.98
N PHE A 87 -23.23 42.09 -16.28
CA PHE A 87 -21.97 42.61 -16.79
C PHE A 87 -22.10 44.08 -17.22
N VAL A 88 -21.51 44.98 -16.42
CA VAL A 88 -21.55 46.40 -16.72
C VAL A 88 -20.35 46.80 -17.57
N GLY A 89 -19.15 46.46 -17.11
CA GLY A 89 -17.97 46.77 -17.91
C GLY A 89 -18.11 46.01 -19.21
N ARG A 90 -17.40 46.44 -20.26
CA ARG A 90 -17.50 45.76 -21.54
C ARG A 90 -16.22 45.19 -22.22
N SER A 91 -16.29 44.36 -23.12
CA SER A 91 -15.04 43.68 -23.51
C SER A 91 -14.29 44.40 -24.59
N GLY A 92 -15.05 45.24 -25.30
CA GLY A 92 -14.55 46.05 -26.39
C GLY A 92 -14.43 45.29 -27.69
N ARG A 93 -13.57 45.84 -28.57
CA ARG A 93 -13.27 45.30 -29.90
C ARG A 93 -13.33 43.79 -29.91
N GLY A 94 -14.57 43.29 -29.93
CA GLY A 94 -14.88 41.88 -29.95
C GLY A 94 -13.71 41.01 -29.54
N LYS A 95 -13.21 41.28 -28.31
CA LYS A 95 -12.13 40.54 -27.77
C LYS A 95 -12.62 39.42 -26.32
N SER A 96 -13.69 38.77 -26.37
CA SER A 96 -14.53 38.44 -24.92
C SER A 96 -13.99 38.22 -23.60
N PHE A 97 -14.85 38.20 -22.53
CA PHE A 97 -14.42 38.00 -21.14
C PHE A 97 -14.07 36.59 -20.70
N THR A 98 -13.13 36.53 -19.76
CA THR A 98 -12.73 35.28 -19.15
C THR A 98 -13.34 35.41 -17.76
N LEU A 99 -14.20 34.48 -17.40
CA LEU A 99 -14.80 34.53 -16.08
C LEU A 99 -13.89 33.87 -15.06
N THR A 100 -13.88 34.43 -13.86
CA THR A 100 -13.13 33.81 -12.79
C THR A 100 -14.17 33.54 -11.73
N ILE A 101 -14.36 32.26 -11.45
CA ILE A 101 -15.31 31.81 -10.46
C ILE A 101 -14.55 31.37 -9.23
N THR A 102 -14.79 32.05 -8.11
CA THR A 102 -14.14 31.69 -6.86
C THR A 102 -15.15 31.12 -5.86
N VAL A 103 -14.86 29.90 -5.41
CA VAL A 103 -15.69 29.21 -4.43
C VAL A 103 -14.87 29.27 -3.16
N PHE A 104 -15.34 30.05 -2.19
CA PHE A 104 -14.61 30.22 -0.96
C PHE A 104 -14.60 29.13 0.11
N THR A 105 -13.94 28.03 -0.23
CA THR A 105 -13.72 26.93 0.68
C THR A 105 -12.33 27.29 1.22
N ASN A 106 -11.66 26.37 1.92
CA ASN A 106 -10.34 26.68 2.48
C ASN A 106 -9.29 25.66 2.11
N PRO A 107 -8.37 26.02 1.20
CA PRO A 107 -8.27 27.32 0.52
C PRO A 107 -9.36 27.49 -0.53
N PRO A 108 -9.44 28.68 -1.11
CA PRO A 108 -10.46 28.91 -2.13
C PRO A 108 -10.23 28.02 -3.35
N GLN A 109 -11.30 27.68 -4.06
CA GLN A 109 -11.17 26.92 -5.29
C GLN A 109 -11.54 27.90 -6.41
N VAL A 110 -10.67 28.00 -7.42
CA VAL A 110 -10.93 28.94 -8.50
C VAL A 110 -11.11 28.23 -9.82
N ALA A 111 -12.12 28.66 -10.57
CA ALA A 111 -12.42 28.09 -11.87
C ALA A 111 -12.61 29.20 -12.89
N THR A 112 -11.88 29.11 -13.99
CA THR A 112 -11.98 30.10 -15.04
C THR A 112 -12.88 29.57 -16.15
N TYR A 113 -13.47 30.50 -16.89
CA TYR A 113 -14.34 30.20 -18.01
C TYR A 113 -13.88 31.23 -19.05
N HIS A 114 -13.03 30.82 -20.00
CA HIS A 114 -12.52 31.74 -21.03
C HIS A 114 -13.52 31.95 -22.18
N ARG A 115 -13.49 33.15 -22.76
CA ARG A 115 -14.38 33.50 -23.88
C ARG A 115 -15.80 33.12 -23.51
N ALA A 116 -16.15 33.34 -22.25
CA ALA A 116 -17.47 33.00 -21.78
C ALA A 116 -18.49 33.95 -22.37
N ILE A 117 -18.13 35.22 -22.47
CA ILE A 117 -19.09 36.17 -22.96
C ILE A 117 -18.50 37.48 -23.46
N LYS A 118 -19.14 38.03 -24.48
CA LYS A 118 -18.75 39.30 -25.07
C LYS A 118 -19.81 40.32 -24.65
N ILE A 119 -19.36 41.41 -24.02
CA ILE A 119 -20.26 42.45 -23.55
C ILE A 119 -19.97 43.78 -24.25
N THR A 120 -20.91 44.24 -25.07
CA THR A 120 -20.77 45.50 -25.79
C THR A 120 -21.87 46.39 -25.26
N VAL A 121 -21.85 47.66 -25.65
CA VAL A 121 -22.86 48.59 -25.17
C VAL A 121 -24.27 48.33 -25.72
N ASP A 122 -24.35 47.87 -26.97
CA ASP A 122 -25.66 47.59 -27.57
C ASP A 122 -26.06 46.14 -27.44
N GLY A 123 -25.13 45.25 -27.76
CA GLY A 123 -25.40 43.83 -27.71
C GLY A 123 -25.90 43.36 -29.06
N PRO A 124 -26.27 42.07 -29.19
CA PRO A 124 -26.77 41.49 -30.44
C PRO A 124 -28.07 42.16 -30.93
N PRO B 1 -10.10 19.54 -1.85
CA PRO B 1 -11.40 19.40 -2.55
C PRO B 1 -11.27 18.70 -3.92
N ARG B 2 -11.30 19.44 -5.04
CA ARG B 2 -11.16 18.78 -6.34
C ARG B 2 -10.01 19.23 -7.23
N VAL B 3 -9.28 18.25 -7.73
CA VAL B 3 -8.13 18.50 -8.58
C VAL B 3 -8.13 17.50 -9.73
N VAL B 4 -7.35 17.82 -10.77
CA VAL B 4 -7.24 16.91 -11.90
C VAL B 4 -6.31 15.79 -11.43
N PRO B 5 -6.35 14.64 -12.10
CA PRO B 5 -5.49 13.53 -11.67
C PRO B 5 -3.98 13.82 -11.72
N ASP B 6 -3.52 14.67 -12.64
CA ASP B 6 -2.08 14.98 -12.74
C ASP B 6 -1.83 16.51 -12.73
N GLN B 7 -1.80 17.08 -11.54
CA GLN B 7 -1.61 18.52 -11.36
C GLN B 7 -0.35 19.15 -11.95
N ARG B 8 0.81 18.61 -11.60
CA ARG B 8 2.06 19.15 -12.11
C ARG B 8 2.08 19.18 -13.63
N SER B 9 1.68 18.07 -14.23
CA SER B 9 1.64 17.99 -15.68
C SER B 9 0.81 19.15 -16.21
N LYS B 10 -0.41 19.29 -15.70
CA LYS B 10 -1.27 20.36 -16.15
C LYS B 10 -0.63 21.72 -15.91
N PHE B 11 -0.02 21.89 -14.74
CA PHE B 11 0.61 23.17 -14.42
C PHE B 11 1.77 23.56 -15.34
N GLU B 12 2.56 22.57 -15.72
CA GLU B 12 3.72 22.81 -16.59
C GLU B 12 3.42 22.88 -18.08
N ASN B 13 2.46 22.09 -18.54
CA ASN B 13 2.13 22.05 -19.96
C ASN B 13 1.07 22.99 -20.53
N GLU B 14 0.15 23.47 -19.70
CA GLU B 14 -0.90 24.34 -20.20
C GLU B 14 -0.58 25.83 -20.26
N GLU B 15 -0.92 26.43 -21.39
CA GLU B 15 -0.67 27.84 -21.62
C GLU B 15 -1.21 28.76 -20.54
N PHE B 16 -2.36 28.40 -19.96
CA PHE B 16 -2.97 29.23 -18.92
C PHE B 16 -2.01 29.44 -17.76
N PHE B 17 -1.41 28.34 -17.31
CA PHE B 17 -0.46 28.39 -16.20
C PHE B 17 0.88 29.00 -16.60
N ARG B 18 1.48 28.44 -17.65
CA ARG B 18 2.77 28.94 -18.14
C ARG B 18 2.73 30.46 -18.30
N LYS B 19 1.72 30.97 -19.00
CA LYS B 19 1.60 32.41 -19.19
C LYS B 19 1.44 33.13 -17.85
N LEU B 20 1.41 32.33 -16.78
CA LEU B 20 1.22 32.86 -15.43
C LEU B 20 2.29 32.41 -14.44
N SER B 21 3.19 31.53 -14.86
CA SER B 21 4.22 31.04 -13.97
C SER B 21 5.47 31.94 -13.90
N ARG B 22 5.47 33.03 -14.65
CA ARG B 22 6.61 33.96 -14.64
C ARG B 22 6.17 35.35 -14.22
N GLU B 23 6.94 35.98 -13.35
CA GLU B 23 6.62 37.31 -12.87
C GLU B 23 6.03 38.21 -13.95
N CYS B 24 4.80 38.65 -13.75
CA CYS B 24 4.15 39.51 -14.71
C CYS B 24 3.30 40.57 -14.00
N GLU B 25 2.98 41.64 -14.72
CA GLU B 25 2.21 42.74 -14.15
C GLU B 25 0.91 42.33 -13.51
N ILE B 26 0.76 42.69 -12.24
CA ILE B 26 -0.43 42.41 -11.46
C ILE B 26 -0.94 43.75 -10.94
N LYS B 27 -2.23 43.86 -10.70
CA LYS B 27 -2.78 45.10 -10.21
C LYS B 27 -4.00 44.90 -9.32
N TYR B 28 -3.99 45.55 -8.17
CA TYR B 28 -5.11 45.48 -7.23
C TYR B 28 -6.33 45.97 -8.00
N THR B 29 -7.49 45.37 -7.77
CA THR B 29 -8.69 45.77 -8.50
C THR B 29 -9.85 46.13 -7.59
N GLY B 30 -9.60 46.19 -6.29
CA GLY B 30 -10.66 46.52 -5.36
C GLY B 30 -11.07 47.97 -5.48
N PHE B 31 -12.34 48.24 -5.17
CA PHE B 31 -12.89 49.61 -5.24
C PHE B 31 -12.41 50.35 -6.46
N ARG B 32 -12.44 49.61 -7.57
CA ARG B 32 -12.03 50.12 -8.84
C ARG B 32 -12.48 51.60 -9.07
N ASP B 33 -13.75 51.90 -8.87
CA ASP B 33 -14.25 53.28 -9.06
C ASP B 33 -14.31 54.02 -7.72
N ARG B 34 -13.19 54.59 -7.34
CA ARG B 34 -13.06 55.36 -6.09
C ARG B 34 -11.75 56.14 -6.07
N PRO B 35 -11.66 57.18 -5.22
CA PRO B 35 -10.44 57.99 -5.11
C PRO B 35 -9.20 57.15 -4.81
N HIS B 36 -8.17 57.29 -5.64
CA HIS B 36 -6.93 56.54 -5.46
C HIS B 36 -6.44 56.57 -4.00
N GLU B 37 -6.64 57.69 -3.32
CA GLU B 37 -6.22 57.81 -1.93
C GLU B 37 -6.92 56.76 -1.07
N GLU B 38 -8.23 56.63 -1.26
CA GLU B 38 -9.04 55.66 -0.52
C GLU B 38 -8.65 54.23 -0.90
N ARG B 39 -8.55 53.95 -2.21
CA ARG B 39 -8.18 52.63 -2.68
C ARG B 39 -6.89 52.17 -2.00
N GLN B 40 -5.93 53.08 -1.87
CA GLN B 40 -4.67 52.76 -1.23
C GLN B 40 -4.90 52.29 0.20
N ALA B 41 -5.83 52.93 0.91
CA ALA B 41 -6.13 52.55 2.29
C ALA B 41 -6.86 51.21 2.31
N ARG B 42 -7.87 51.08 1.45
CA ARG B 42 -8.64 49.84 1.35
C ARG B 42 -7.67 48.69 1.20
N PHE B 43 -6.77 48.80 0.22
CA PHE B 43 -5.79 47.76 -0.07
C PHE B 43 -4.98 47.30 1.14
N GLN B 44 -4.43 48.25 1.89
CA GLN B 44 -3.65 47.88 3.06
C GLN B 44 -4.47 47.31 4.19
N ASN B 45 -5.67 47.86 4.41
CA ASN B 45 -6.53 47.37 5.46
C ASN B 45 -6.92 45.94 5.12
N ALA B 46 -7.24 45.71 3.85
CA ALA B 46 -7.63 44.39 3.37
C ALA B 46 -6.43 43.44 3.50
N CYS B 47 -5.24 43.93 3.19
CA CYS B 47 -4.03 43.12 3.30
C CYS B 47 -3.80 42.69 4.74
N ARG B 48 -4.09 43.61 5.67
CA ARG B 48 -3.91 43.29 7.07
C ARG B 48 -4.95 42.29 7.53
N ASP B 49 -6.08 42.22 6.82
CA ASP B 49 -7.13 41.26 7.16
C ASP B 49 -6.86 39.96 6.42
N GLY B 50 -5.82 39.99 5.59
CA GLY B 50 -5.44 38.80 4.83
C GLY B 50 -6.17 38.55 3.53
N ARG B 51 -6.89 39.53 3.00
CA ARG B 51 -7.56 39.32 1.72
C ARG B 51 -7.34 40.45 0.73
N SER B 52 -7.48 40.13 -0.56
CA SER B 52 -7.31 41.11 -1.61
C SER B 52 -7.76 40.54 -2.96
N GLU B 53 -7.91 41.42 -3.93
CA GLU B 53 -8.32 41.04 -5.28
C GLU B 53 -7.27 41.61 -6.20
N ILE B 54 -6.47 40.74 -6.79
CA ILE B 54 -5.42 41.19 -7.67
C ILE B 54 -5.54 40.44 -8.99
N ALA B 55 -5.70 41.20 -10.06
CA ALA B 55 -5.82 40.63 -11.39
C ALA B 55 -4.50 40.71 -12.15
N PHE B 56 -4.27 39.73 -13.02
CA PHE B 56 -3.08 39.75 -13.85
C PHE B 56 -3.55 40.63 -15.00
N VAL B 57 -2.98 41.83 -15.11
CA VAL B 57 -3.35 42.80 -16.13
C VAL B 57 -3.24 42.34 -17.58
N ALA B 58 -2.14 41.69 -17.92
CA ALA B 58 -1.94 41.22 -19.29
C ALA B 58 -3.08 40.34 -19.81
N THR B 59 -3.53 39.38 -18.99
CA THR B 59 -4.58 38.47 -19.44
C THR B 59 -5.95 38.76 -18.87
N GLY B 60 -6.02 39.72 -17.96
CA GLY B 60 -7.29 40.06 -17.35
C GLY B 60 -7.80 38.94 -16.46
N THR B 61 -6.90 38.10 -15.97
CA THR B 61 -7.30 37.01 -15.08
C THR B 61 -7.42 37.56 -13.66
N ASN B 62 -8.65 37.69 -13.18
CA ASN B 62 -8.90 38.20 -11.85
C ASN B 62 -8.82 37.08 -10.82
N LEU B 63 -8.30 37.42 -9.65
CA LEU B 63 -8.19 36.46 -8.55
C LEU B 63 -8.56 37.11 -7.24
N SER B 64 -9.30 36.39 -6.42
CA SER B 64 -9.63 36.89 -5.09
C SER B 64 -8.64 36.08 -4.28
N LEU B 65 -7.84 36.74 -3.44
CA LEU B 65 -6.84 36.03 -2.68
C LEU B 65 -6.97 36.07 -1.17
N GLN B 66 -6.60 34.95 -0.55
CA GLN B 66 -6.62 34.82 0.89
C GLN B 66 -5.20 34.52 1.35
N PHE B 67 -4.63 35.47 2.09
CA PHE B 67 -3.28 35.34 2.57
C PHE B 67 -3.17 34.56 3.87
N PHE B 68 -3.47 33.27 3.78
CA PHE B 68 -3.43 32.37 4.92
C PHE B 68 -3.02 30.99 4.45
N PRO B 69 -2.49 30.18 5.36
CA PRO B 69 -2.07 28.82 4.98
C PRO B 69 -3.31 28.07 4.48
N ALA B 70 -3.15 27.27 3.43
CA ALA B 70 -4.27 26.52 2.89
C ALA B 70 -5.05 25.80 3.99
N SER B 71 -4.34 25.37 5.04
CA SER B 71 -4.97 24.70 6.17
C SER B 71 -6.02 25.64 6.77
N TRP B 72 -5.65 26.89 7.00
CA TRP B 72 -6.59 27.87 7.56
C TRP B 72 -5.87 29.08 8.19
N ARG B 77 -11.80 35.04 11.41
CA ARG B 77 -10.85 36.14 11.37
C ARG B 77 -9.61 35.85 12.22
N GLN B 78 -8.47 36.35 11.75
CA GLN B 78 -7.18 36.18 12.44
C GLN B 78 -6.11 36.80 11.54
N THR B 79 -5.29 37.67 12.12
CA THR B 79 -4.23 38.35 11.37
C THR B 79 -3.23 37.39 10.76
N PRO B 80 -2.85 37.64 9.50
CA PRO B 80 -1.89 36.81 8.77
C PRO B 80 -0.45 37.00 9.26
N SER B 81 0.36 35.95 9.16
CA SER B 81 1.75 36.04 9.56
C SER B 81 2.55 36.80 8.50
N ARG B 82 3.77 37.20 8.84
CA ARG B 82 4.61 37.93 7.91
C ARG B 82 4.99 37.05 6.72
N GLU B 83 4.67 35.77 6.80
CA GLU B 83 4.97 34.85 5.73
C GLU B 83 4.00 35.03 4.55
N TYR B 84 2.78 35.47 4.85
CA TYR B 84 1.79 35.68 3.80
C TYR B 84 1.53 37.15 3.50
N VAL B 85 1.96 38.02 4.41
CA VAL B 85 1.80 39.46 4.21
C VAL B 85 3.00 40.12 4.86
N ASP B 86 3.95 40.51 4.03
CA ASP B 86 5.18 41.14 4.49
C ASP B 86 5.24 42.62 4.09
N LEU B 87 5.27 43.49 5.09
CA LEU B 87 5.35 44.93 4.84
C LEU B 87 6.78 45.47 5.05
N GLU B 88 7.68 44.62 5.53
CA GLU B 88 9.05 45.03 5.73
C GLU B 88 9.97 44.66 4.56
N ARG B 89 10.03 43.36 4.29
CA ARG B 89 10.92 42.93 3.23
C ARG B 89 11.39 44.04 2.26
N GLU B 90 10.51 45.00 1.97
CA GLU B 90 10.86 46.11 1.09
C GLU B 90 9.93 47.30 1.28
N ALA B 91 10.40 48.31 2.00
CA ALA B 91 9.62 49.50 2.27
C ALA B 91 8.86 49.93 1.01
N GLY B 92 7.68 50.50 1.19
CA GLY B 92 6.89 50.95 0.06
C GLY B 92 5.96 49.91 -0.53
N LYS B 93 6.37 48.65 -0.50
CA LYS B 93 5.50 47.60 -1.02
C LYS B 93 5.28 46.43 -0.08
N VAL B 94 4.35 45.56 -0.45
CA VAL B 94 4.03 44.40 0.36
C VAL B 94 4.10 43.11 -0.43
N TYR B 95 4.75 42.11 0.15
CA TYR B 95 4.87 40.81 -0.48
C TYR B 95 3.75 39.92 0.01
N LEU B 96 3.06 39.27 -0.92
CA LEU B 96 1.90 38.43 -0.61
C LEU B 96 2.00 37.00 -1.09
N LYS B 97 1.50 36.09 -0.26
CA LYS B 97 1.48 34.67 -0.58
C LYS B 97 0.03 34.21 -0.42
N ALA B 98 -0.50 33.50 -1.41
CA ALA B 98 -1.88 33.05 -1.33
C ALA B 98 -2.10 31.69 -1.97
N PRO B 99 -2.48 30.69 -1.17
CA PRO B 99 -2.73 29.32 -1.68
C PRO B 99 -4.14 29.20 -2.25
N MET B 100 -4.33 28.26 -3.18
CA MET B 100 -5.65 28.02 -3.74
C MET B 100 -5.59 26.86 -4.71
N ILE B 101 -6.75 26.39 -5.14
CA ILE B 101 -6.79 25.34 -6.14
C ILE B 101 -7.35 26.07 -7.36
N LEU B 102 -6.52 26.24 -8.37
CA LEU B 102 -6.91 26.94 -9.60
C LEU B 102 -7.06 25.96 -10.75
N ASN B 103 -8.24 25.91 -11.34
CA ASN B 103 -8.53 24.99 -12.44
C ASN B 103 -7.99 23.60 -12.16
N GLY B 104 -8.34 23.09 -10.99
CA GLY B 104 -7.95 21.75 -10.59
C GLY B 104 -6.52 21.49 -10.15
N VAL B 105 -5.71 22.52 -10.04
CA VAL B 105 -4.33 22.28 -9.62
C VAL B 105 -3.95 23.15 -8.44
N CYS B 106 -3.37 22.54 -7.41
CA CYS B 106 -2.95 23.29 -6.23
C CYS B 106 -1.81 24.22 -6.57
N VAL B 107 -2.03 25.52 -6.40
CA VAL B 107 -0.97 26.47 -6.67
C VAL B 107 -0.83 27.46 -5.53
N ILE B 108 0.20 28.28 -5.64
CA ILE B 108 0.47 29.32 -4.68
C ILE B 108 0.72 30.58 -5.50
N TRP B 109 0.00 31.64 -5.17
CA TRP B 109 0.14 32.92 -5.84
C TRP B 109 1.14 33.73 -5.00
N LYS B 110 2.24 34.17 -5.60
CA LYS B 110 3.22 34.99 -4.90
C LYS B 110 3.46 36.27 -5.70
N GLY B 111 3.56 37.39 -5.00
CA GLY B 111 3.79 38.64 -5.69
C GLY B 111 3.87 39.79 -4.71
N TRP B 112 4.18 40.98 -5.23
CA TRP B 112 4.26 42.15 -4.38
C TRP B 112 3.50 43.29 -5.04
N ILE B 113 3.06 44.24 -4.23
CA ILE B 113 2.32 45.38 -4.75
C ILE B 113 2.80 46.67 -4.09
N ASP B 114 2.98 47.68 -4.92
CA ASP B 114 3.42 49.00 -4.48
C ASP B 114 2.29 49.68 -3.72
N LEU B 115 2.53 49.99 -2.45
CA LEU B 115 1.51 50.62 -1.63
C LEU B 115 1.06 51.96 -2.18
N GLN B 116 1.88 52.52 -3.07
CA GLN B 116 1.59 53.81 -3.68
C GLN B 116 0.80 53.61 -4.96
N ARG B 117 1.41 52.91 -5.90
CA ARG B 117 0.81 52.65 -7.20
C ARG B 117 -0.35 51.65 -7.21
N LEU B 118 -0.28 50.65 -6.33
CA LEU B 118 -1.30 49.61 -6.24
C LEU B 118 -1.20 48.68 -7.43
N ASP B 119 0.02 48.57 -7.97
CA ASP B 119 0.31 47.71 -9.11
C ASP B 119 1.53 46.94 -8.64
N GLY B 120 1.96 45.94 -9.41
CA GLY B 120 3.12 45.19 -9.00
C GLY B 120 3.42 43.99 -9.87
N MET B 121 4.18 43.05 -9.32
CA MET B 121 4.55 41.84 -10.03
C MET B 121 4.23 40.60 -9.19
N GLY B 122 3.75 39.55 -9.86
CA GLY B 122 3.43 38.31 -9.16
C GLY B 122 3.26 37.16 -10.13
N CYS B 123 3.15 35.95 -9.60
CA CYS B 123 2.98 34.77 -10.45
C CYS B 123 2.38 33.57 -9.70
N LEU B 124 2.21 32.46 -10.41
CA LEU B 124 1.68 31.24 -9.84
C LEU B 124 2.75 30.17 -9.69
N GLU B 125 2.71 29.45 -8.58
CA GLU B 125 3.66 28.38 -8.30
C GLU B 125 2.93 27.07 -8.02
N PHE B 126 3.46 25.96 -8.50
CA PHE B 126 2.83 24.68 -8.24
C PHE B 126 3.13 24.33 -6.78
N ASP B 127 2.08 24.04 -6.01
CA ASP B 127 2.24 23.70 -4.60
C ASP B 127 2.35 22.18 -4.45
N GLU B 128 3.56 21.65 -4.60
CA GLU B 128 3.79 20.21 -4.49
C GLU B 128 3.17 19.60 -3.22
N GLU B 129 3.58 20.14 -2.07
CA GLU B 129 3.13 19.69 -0.74
C GLU B 129 1.57 19.54 -0.70
N ARG B 130 0.82 20.60 -1.03
CA ARG B 130 -0.68 20.61 -1.00
C ARG B 130 -1.29 19.64 -2.00
N ALA B 131 -0.67 19.62 -3.18
CA ALA B 131 -1.09 18.79 -4.29
C ALA B 131 -1.16 17.31 -3.95
N GLN B 132 -0.18 16.82 -3.21
CA GLN B 132 -0.14 15.41 -2.84
C GLN B 132 -1.13 14.98 -1.77
N GLN B 133 -1.51 15.90 -0.88
CA GLN B 133 -2.45 15.53 0.16
C GLN B 133 -3.88 15.58 -0.34
N GLU B 134 -4.07 16.06 -1.57
CA GLU B 134 -5.39 16.14 -2.18
C GLU B 134 -5.72 14.79 -2.78
N VAL C 5 -9.58 25.22 -22.25
CA VAL C 5 -10.33 24.51 -23.32
C VAL C 5 -11.81 24.96 -23.35
N LEU C 6 -12.41 24.95 -24.55
CA LEU C 6 -13.80 25.35 -24.76
C LEU C 6 -14.68 25.30 -23.51
N ALA C 7 -14.76 24.11 -22.91
CA ALA C 7 -15.54 23.90 -21.68
C ALA C 7 -17.05 23.97 -21.93
N ASP C 8 -17.71 22.82 -21.78
CA ASP C 8 -19.15 22.67 -21.97
C ASP C 8 -19.44 21.17 -22.07
N HIS C 9 -20.60 20.82 -22.62
CA HIS C 9 -21.03 19.42 -22.84
C HIS C 9 -22.04 18.77 -21.89
N PRO C 10 -22.12 19.19 -20.61
CA PRO C 10 -23.11 18.51 -19.77
C PRO C 10 -24.52 18.76 -20.30
N GLY C 11 -24.79 20.01 -20.66
CA GLY C 11 -26.09 20.39 -21.22
C GLY C 11 -27.25 20.71 -20.28
N GLU C 12 -28.45 20.51 -20.81
CA GLU C 12 -29.71 20.74 -20.11
C GLU C 12 -29.92 19.69 -19.01
N LEU C 13 -29.75 20.07 -17.75
CA LEU C 13 -29.88 19.10 -16.66
C LEU C 13 -30.97 19.38 -15.60
N VAL C 14 -31.46 18.30 -15.00
CA VAL C 14 -32.44 18.40 -13.92
C VAL C 14 -31.90 17.59 -12.74
N ARG C 15 -32.47 17.78 -11.56
CA ARG C 15 -32.02 17.03 -10.40
C ARG C 15 -32.78 15.71 -10.41
N THR C 16 -32.17 14.66 -9.88
CA THR C 16 -32.81 13.36 -9.79
C THR C 16 -33.25 13.28 -8.33
N ASP C 17 -33.89 12.20 -7.90
CA ASP C 17 -34.32 12.11 -6.51
C ASP C 17 -33.14 11.88 -5.59
N SER C 18 -31.96 11.75 -6.17
CA SER C 18 -30.74 11.54 -5.39
C SER C 18 -29.97 12.86 -5.34
N PRO C 19 -29.43 13.19 -4.17
CA PRO C 19 -28.66 14.44 -4.04
C PRO C 19 -27.27 14.38 -4.70
N ASN C 20 -26.90 13.20 -5.21
CA ASN C 20 -25.59 13.02 -5.82
C ASN C 20 -25.61 12.96 -7.34
N PHE C 21 -26.80 13.00 -7.95
CA PHE C 21 -26.88 12.90 -9.39
C PHE C 21 -27.88 13.82 -10.08
N LEU C 22 -27.46 14.31 -11.23
CA LEU C 22 -28.29 15.15 -12.07
C LEU C 22 -28.36 14.30 -13.35
N CYS C 23 -29.37 14.53 -14.18
CA CYS C 23 -29.47 13.80 -15.45
C CYS C 23 -30.08 14.72 -16.48
N SER C 24 -30.05 14.28 -17.72
CA SER C 24 -30.58 15.06 -18.83
C SER C 24 -32.08 15.19 -18.77
N VAL C 25 -32.58 16.35 -19.19
CA VAL C 25 -34.02 16.58 -19.23
C VAL C 25 -34.48 15.76 -20.42
N LEU C 26 -35.54 15.00 -20.23
CA LEU C 26 -36.07 14.16 -21.29
C LEU C 26 -37.33 14.78 -21.83
N PRO C 27 -37.74 14.39 -23.04
CA PRO C 27 -38.96 14.93 -23.63
C PRO C 27 -40.11 14.40 -22.77
N THR C 28 -41.19 15.15 -22.65
CA THR C 28 -42.33 14.73 -21.85
C THR C 28 -43.02 13.51 -22.46
N HIS C 29 -43.08 13.52 -23.79
CA HIS C 29 -43.72 12.47 -24.55
C HIS C 29 -42.81 12.18 -25.73
N TRP C 30 -42.62 10.90 -26.03
CA TRP C 30 -41.75 10.53 -27.12
C TRP C 30 -42.19 9.24 -27.80
N ARG C 31 -41.78 9.08 -29.05
CA ARG C 31 -42.17 7.90 -29.80
C ARG C 31 -41.32 6.68 -29.45
N CYS C 32 -41.98 5.56 -29.35
CA CYS C 32 -41.35 4.29 -29.05
C CYS C 32 -40.18 4.04 -30.03
N ASN C 33 -39.01 3.75 -29.46
CA ASN C 33 -37.79 3.46 -30.22
C ASN C 33 -37.23 4.58 -31.10
N LYS C 34 -37.69 5.80 -30.92
CA LYS C 34 -37.18 6.92 -31.71
C LYS C 34 -35.99 7.52 -30.98
N THR C 35 -34.97 7.96 -31.71
CA THR C 35 -33.80 8.57 -31.09
C THR C 35 -34.21 9.80 -30.31
N LEU C 36 -33.59 10.03 -29.16
CA LEU C 36 -33.91 11.19 -28.35
C LEU C 36 -33.34 12.44 -29.00
N PRO C 37 -34.00 13.59 -28.79
CA PRO C 37 -33.56 14.86 -29.38
C PRO C 37 -32.25 15.40 -28.77
N ILE C 38 -31.83 14.80 -27.67
CA ILE C 38 -30.60 15.17 -26.97
C ILE C 38 -29.98 13.86 -26.48
N ALA C 39 -28.67 13.84 -26.23
CA ALA C 39 -28.01 12.62 -25.76
C ALA C 39 -28.13 12.54 -24.23
N PHE C 40 -28.77 11.48 -23.74
CA PHE C 40 -28.94 11.32 -22.30
C PHE C 40 -27.63 11.28 -21.51
N LYS C 41 -27.54 12.11 -20.49
CA LYS C 41 -26.35 12.16 -19.64
C LYS C 41 -26.74 12.05 -18.17
N VAL C 42 -25.90 11.39 -17.39
CA VAL C 42 -26.10 11.27 -15.95
C VAL C 42 -24.89 12.00 -15.39
N VAL C 43 -25.11 13.04 -14.61
CA VAL C 43 -23.99 13.80 -14.03
C VAL C 43 -23.85 13.52 -12.55
N ALA C 44 -22.66 13.05 -12.16
CA ALA C 44 -22.40 12.77 -10.75
C ALA C 44 -21.82 14.01 -10.12
N LEU C 45 -22.42 14.44 -9.00
CA LEU C 45 -21.93 15.61 -8.29
C LEU C 45 -20.67 15.19 -7.54
N GLY C 46 -20.84 14.44 -6.47
CA GLY C 46 -19.70 14.00 -5.71
C GLY C 46 -18.82 13.03 -6.48
N ASP C 47 -17.53 13.01 -6.15
CA ASP C 47 -16.57 12.15 -6.82
C ASP C 47 -17.11 10.74 -7.11
N VAL C 48 -16.84 10.25 -8.33
CA VAL C 48 -17.20 8.91 -8.76
C VAL C 48 -16.11 8.56 -9.76
N PRO C 49 -15.34 7.50 -9.49
CA PRO C 49 -14.26 7.12 -10.42
C PRO C 49 -14.62 6.78 -11.86
N ASP C 50 -13.79 7.27 -12.78
CA ASP C 50 -13.98 7.00 -14.20
C ASP C 50 -14.14 5.50 -14.42
N GLY C 51 -14.90 5.11 -15.42
CA GLY C 51 -15.08 3.70 -15.69
C GLY C 51 -16.25 3.09 -14.97
N THR C 52 -16.72 3.73 -13.90
CA THR C 52 -17.85 3.24 -13.12
C THR C 52 -19.06 3.08 -14.03
N LEU C 53 -19.66 1.89 -14.02
CA LEU C 53 -20.82 1.64 -14.86
C LEU C 53 -22.11 2.31 -14.38
N VAL C 54 -22.84 2.87 -15.34
CA VAL C 54 -24.11 3.49 -15.03
C VAL C 54 -25.15 2.88 -15.95
N THR C 55 -26.25 2.41 -15.38
CA THR C 55 -27.31 1.83 -16.19
C THR C 55 -28.57 2.61 -15.92
N VAL C 56 -29.52 2.47 -16.83
CA VAL C 56 -30.80 3.14 -16.75
C VAL C 56 -31.89 2.08 -16.93
N MET C 57 -33.02 2.28 -16.26
CA MET C 57 -34.15 1.39 -16.38
C MET C 57 -35.38 2.28 -16.36
N ALA C 58 -36.45 1.83 -17.01
CA ALA C 58 -37.68 2.60 -17.05
C ALA C 58 -38.89 1.72 -16.84
N GLY C 59 -39.84 2.19 -16.04
CA GLY C 59 -41.02 1.41 -15.79
C GLY C 59 -42.00 2.14 -14.91
N ASN C 60 -43.18 1.57 -14.75
CA ASN C 60 -44.20 2.11 -13.89
C ASN C 60 -44.94 0.92 -13.29
N ASP C 61 -46.19 1.11 -12.86
CA ASP C 61 -46.98 0.05 -12.25
C ASP C 61 -47.34 -1.10 -13.20
N GLU C 62 -47.56 -0.79 -14.46
CA GLU C 62 -47.89 -1.81 -15.46
C GLU C 62 -46.60 -2.39 -16.00
N ASN C 63 -45.99 -1.63 -16.89
CA ASN C 63 -44.73 -2.04 -17.49
C ASN C 63 -43.66 -1.77 -16.43
N TYR C 64 -43.31 -2.81 -15.67
CA TYR C 64 -42.32 -2.71 -14.60
C TYR C 64 -40.91 -2.42 -15.09
N SER C 65 -40.60 -2.91 -16.28
CA SER C 65 -39.27 -2.70 -16.83
C SER C 65 -39.35 -2.68 -18.35
N ALA C 66 -39.52 -1.49 -18.91
CA ALA C 66 -39.61 -1.32 -20.36
C ALA C 66 -38.33 -1.71 -21.09
N GLU C 67 -38.46 -2.16 -22.33
CA GLU C 67 -37.28 -2.53 -23.09
C GLU C 67 -36.57 -1.24 -23.50
N LEU C 68 -35.25 -1.21 -23.32
CA LEU C 68 -34.47 -0.05 -23.67
C LEU C 68 -33.31 -0.46 -24.57
N ARG C 69 -32.69 0.52 -25.21
CA ARG C 69 -31.55 0.26 -26.07
C ARG C 69 -30.44 1.19 -25.64
N ASN C 70 -29.26 0.61 -25.41
CA ASN C 70 -28.08 1.37 -25.01
C ASN C 70 -28.30 2.06 -23.69
N ALA C 71 -28.75 1.26 -22.72
CA ALA C 71 -29.05 1.74 -21.39
C ALA C 71 -27.89 1.51 -20.41
N THR C 72 -26.66 1.59 -20.91
CA THR C 72 -25.48 1.41 -20.06
C THR C 72 -24.45 2.40 -20.55
N ALA C 73 -23.69 3.00 -19.63
CA ALA C 73 -22.64 3.94 -20.01
C ALA C 73 -21.60 3.94 -18.91
N ALA C 74 -20.49 4.64 -19.15
CA ALA C 74 -19.42 4.70 -18.17
C ALA C 74 -19.11 6.12 -17.76
N MET C 75 -18.88 6.31 -16.46
CA MET C 75 -18.55 7.63 -15.95
C MET C 75 -17.19 8.06 -16.47
N LYS C 76 -17.10 9.30 -16.92
CA LYS C 76 -15.85 9.85 -17.41
C LYS C 76 -15.90 11.29 -16.98
N ASN C 77 -15.07 11.66 -16.01
CA ASN C 77 -15.06 13.02 -15.52
C ASN C 77 -16.44 13.40 -14.97
N GLN C 78 -16.95 12.58 -14.07
CA GLN C 78 -18.24 12.79 -13.41
C GLN C 78 -19.44 12.74 -14.35
N VAL C 79 -19.21 12.43 -15.62
CA VAL C 79 -20.29 12.40 -16.59
C VAL C 79 -20.43 11.08 -17.33
N ALA C 80 -21.63 10.52 -17.31
CA ALA C 80 -21.89 9.27 -18.01
C ALA C 80 -22.78 9.61 -19.20
N ARG C 81 -22.18 9.58 -20.39
CA ARG C 81 -22.89 9.90 -21.62
C ARG C 81 -23.44 8.65 -22.28
N PHE C 82 -24.76 8.56 -22.40
CA PHE C 82 -25.37 7.41 -23.05
C PHE C 82 -25.39 7.61 -24.54
N ASN C 83 -24.99 6.57 -25.26
CA ASN C 83 -24.92 6.61 -26.71
C ASN C 83 -26.23 6.09 -27.31
N ASP C 84 -27.05 7.01 -27.79
CA ASP C 84 -28.34 6.71 -28.39
C ASP C 84 -29.26 5.90 -27.49
N LEU C 85 -29.55 6.42 -26.31
CA LEU C 85 -30.45 5.75 -25.38
C LEU C 85 -31.82 5.82 -26.03
N ARG C 86 -32.51 4.69 -26.08
CA ARG C 86 -33.83 4.66 -26.69
C ARG C 86 -34.81 3.87 -25.85
N PHE C 87 -36.03 4.38 -25.73
CA PHE C 87 -37.08 3.71 -24.98
C PHE C 87 -37.86 2.91 -26.02
N VAL C 88 -37.74 1.59 -25.95
CA VAL C 88 -38.43 0.68 -26.87
C VAL C 88 -39.81 0.28 -26.37
N GLY C 89 -39.90 -0.06 -25.08
CA GLY C 89 -41.18 -0.44 -24.51
C GLY C 89 -42.04 0.79 -24.32
N ARG C 90 -43.33 0.65 -24.55
CA ARG C 90 -44.23 1.79 -24.41
C ARG C 90 -44.82 1.82 -23.01
N SER C 91 -45.14 3.01 -22.52
CA SER C 91 -45.77 3.15 -21.21
C SER C 91 -47.29 3.19 -21.42
N GLY C 92 -47.69 3.14 -22.69
CA GLY C 92 -49.09 3.14 -23.06
C GLY C 92 -49.98 4.23 -22.47
N ARG C 93 -51.21 3.85 -22.15
CA ARG C 93 -52.18 4.76 -21.57
C ARG C 93 -51.89 4.93 -20.09
N GLY C 94 -50.96 4.11 -19.59
CA GLY C 94 -50.60 4.16 -18.18
C GLY C 94 -49.74 5.37 -17.83
N LYS C 95 -49.25 5.39 -16.61
CA LYS C 95 -48.42 6.50 -16.15
C LYS C 95 -47.13 6.59 -16.96
N SER C 96 -46.53 7.77 -16.98
CA SER C 96 -45.28 7.94 -17.69
C SER C 96 -44.21 7.18 -16.91
N PHE C 97 -43.21 6.65 -17.62
CA PHE C 97 -42.14 5.90 -16.98
C PHE C 97 -41.37 6.65 -15.90
N THR C 98 -40.82 5.87 -14.98
CA THR C 98 -40.00 6.39 -13.92
C THR C 98 -38.62 5.88 -14.30
N LEU C 99 -37.64 6.77 -14.28
CA LEU C 99 -36.29 6.36 -14.60
C LEU C 99 -35.59 5.91 -13.32
N THR C 100 -34.90 4.78 -13.39
CA THR C 100 -34.13 4.30 -12.27
C THR C 100 -32.68 4.31 -12.74
N ILE C 101 -31.92 5.25 -12.21
CA ILE C 101 -30.52 5.37 -12.58
C ILE C 101 -29.69 4.67 -11.52
N THR C 102 -28.86 3.72 -11.97
CA THR C 102 -28.02 3.01 -11.04
C THR C 102 -26.55 3.21 -11.38
N VAL C 103 -25.81 3.75 -10.42
CA VAL C 103 -24.39 3.98 -10.55
C VAL C 103 -23.72 2.85 -9.76
N PHE C 104 -22.97 2.01 -10.45
CA PHE C 104 -22.33 0.87 -9.80
C PHE C 104 -21.04 1.09 -9.03
N THR C 105 -21.15 1.80 -7.92
CA THR C 105 -20.03 2.01 -7.01
C THR C 105 -20.28 0.92 -5.97
N ASN C 106 -19.55 0.92 -4.87
CA ASN C 106 -19.74 -0.10 -3.84
C ASN C 106 -20.08 0.47 -2.47
N PRO C 107 -21.34 0.32 -2.02
CA PRO C 107 -22.46 -0.33 -2.72
C PRO C 107 -23.00 0.57 -3.85
N PRO C 108 -23.92 0.05 -4.68
CA PRO C 108 -24.46 0.86 -5.78
C PRO C 108 -25.19 2.08 -5.26
N GLN C 109 -25.29 3.10 -6.11
CA GLN C 109 -26.03 4.30 -5.75
C GLN C 109 -27.19 4.32 -6.76
N VAL C 110 -28.40 4.55 -6.27
CA VAL C 110 -29.58 4.57 -7.11
C VAL C 110 -30.29 5.90 -7.04
N ALA C 111 -30.62 6.41 -8.22
CA ALA C 111 -31.30 7.68 -8.33
C ALA C 111 -32.55 7.46 -9.17
N THR C 112 -33.69 7.92 -8.69
CA THR C 112 -34.91 7.78 -9.46
C THR C 112 -35.28 9.15 -10.02
N TYR C 113 -36.15 9.11 -11.02
CA TYR C 113 -36.63 10.28 -11.73
C TYR C 113 -38.05 9.86 -12.16
N HIS C 114 -39.04 10.22 -11.36
CA HIS C 114 -40.44 9.88 -11.63
C HIS C 114 -41.08 10.78 -12.68
N ARG C 115 -42.10 10.26 -13.35
CA ARG C 115 -42.80 10.99 -14.40
C ARG C 115 -41.78 11.53 -15.39
N ALA C 116 -40.75 10.74 -15.67
CA ALA C 116 -39.68 11.19 -16.56
C ALA C 116 -40.10 11.32 -18.01
N ILE C 117 -40.81 10.32 -18.52
CA ILE C 117 -41.18 10.36 -19.92
C ILE C 117 -42.33 9.41 -20.29
N LYS C 118 -43.20 9.87 -21.20
CA LYS C 118 -44.30 9.06 -21.68
C LYS C 118 -43.84 8.49 -23.03
N ILE C 119 -44.03 7.19 -23.22
CA ILE C 119 -43.60 6.54 -24.45
C ILE C 119 -44.79 5.83 -25.10
N THR C 120 -45.15 6.26 -26.31
CA THR C 120 -46.26 5.64 -27.01
C THR C 120 -45.78 5.23 -28.40
N VAL C 121 -46.55 4.39 -29.08
CA VAL C 121 -46.18 3.94 -30.41
C VAL C 121 -46.08 5.10 -31.39
N ASP C 122 -46.96 6.08 -31.28
CA ASP C 122 -46.91 7.20 -32.21
C ASP C 122 -46.11 8.38 -31.67
N GLY C 123 -46.10 8.54 -30.35
CA GLY C 123 -45.40 9.64 -29.75
C GLY C 123 -46.20 10.91 -29.99
N PRO C 124 -45.63 12.09 -29.70
CA PRO C 124 -46.35 13.35 -29.93
C PRO C 124 -46.50 13.63 -31.43
N ARG C 125 -47.10 14.77 -31.75
CA ARG C 125 -47.31 15.18 -33.14
C ARG C 125 -46.46 16.41 -33.49
N GLU C 126 -46.75 16.98 -34.66
CA GLU C 126 -46.10 18.18 -35.19
C GLU C 126 -44.56 18.30 -35.15
N PRO C 127 -43.98 18.93 -34.10
CA PRO C 127 -42.52 19.07 -34.01
C PRO C 127 -41.63 18.16 -34.88
N ARG C 128 -41.11 17.09 -34.29
CA ARG C 128 -40.26 16.12 -35.00
C ARG C 128 -39.51 15.21 -34.03
N ARG C 129 -38.18 15.23 -34.08
CA ARG C 129 -37.41 14.39 -33.18
C ARG C 129 -35.90 14.65 -33.18
N PRO D 1 -20.97 7.27 -0.30
CA PRO D 1 -20.71 8.26 -1.37
C PRO D 1 -21.57 9.52 -1.24
N ARG D 2 -22.88 9.43 -1.43
CA ARG D 2 -23.68 10.66 -1.25
C ARG D 2 -25.06 10.43 -0.68
N VAL D 3 -25.36 11.18 0.38
CA VAL D 3 -26.62 11.04 1.07
C VAL D 3 -27.15 12.41 1.45
N VAL D 4 -28.46 12.51 1.64
CA VAL D 4 -29.09 13.75 2.07
C VAL D 4 -28.60 13.89 3.51
N PRO D 5 -28.64 15.11 4.09
CA PRO D 5 -28.17 15.31 5.47
C PRO D 5 -28.84 14.49 6.57
N ASP D 6 -30.16 14.30 6.48
CA ASP D 6 -30.87 13.52 7.48
C ASP D 6 -31.54 12.29 6.85
N GLN D 7 -30.73 11.29 6.53
CA GLN D 7 -31.21 10.07 5.90
C GLN D 7 -32.42 9.45 6.57
N ARG D 8 -32.25 8.96 7.79
CA ARG D 8 -33.33 8.31 8.54
C ARG D 8 -34.66 9.06 8.50
N SER D 9 -34.62 10.38 8.62
CA SER D 9 -35.87 11.12 8.60
C SER D 9 -36.55 11.08 7.22
N LYS D 10 -35.76 11.08 6.16
CA LYS D 10 -36.35 11.02 4.83
C LYS D 10 -36.98 9.63 4.64
N PHE D 11 -36.27 8.60 5.08
CA PHE D 11 -36.73 7.22 4.97
C PHE D 11 -38.03 6.97 5.76
N GLU D 12 -38.21 7.70 6.86
CA GLU D 12 -39.39 7.54 7.69
C GLU D 12 -40.56 8.42 7.26
N ASN D 13 -40.25 9.55 6.64
CA ASN D 13 -41.28 10.49 6.24
C ASN D 13 -41.67 10.63 4.78
N GLU D 14 -40.84 10.18 3.84
CA GLU D 14 -41.23 10.31 2.43
C GLU D 14 -42.00 9.09 1.92
N GLU D 15 -43.15 9.34 1.32
CA GLU D 15 -44.01 8.31 0.78
C GLU D 15 -43.23 7.28 -0.05
N PHE D 16 -42.23 7.74 -0.81
CA PHE D 16 -41.45 6.84 -1.63
C PHE D 16 -40.86 5.68 -0.82
N PHE D 17 -40.32 5.99 0.36
CA PHE D 17 -39.73 4.95 1.20
C PHE D 17 -40.74 4.25 2.11
N ARG D 18 -41.81 4.96 2.46
CA ARG D 18 -42.83 4.38 3.32
C ARG D 18 -43.55 3.26 2.60
N LYS D 19 -44.01 3.55 1.38
CA LYS D 19 -44.73 2.55 0.59
C LYS D 19 -43.87 1.31 0.36
N LEU D 20 -42.57 1.46 0.56
CA LEU D 20 -41.64 0.36 0.37
C LEU D 20 -41.03 -0.15 1.67
N SER D 21 -41.36 0.47 2.80
CA SER D 21 -40.81 0.08 4.08
C SER D 21 -41.36 -1.21 4.71
N ARG D 22 -42.63 -1.54 4.41
CA ARG D 22 -43.24 -2.76 4.95
C ARG D 22 -43.30 -3.79 3.83
N GLU D 23 -43.11 -5.06 4.20
CA GLU D 23 -43.14 -6.16 3.23
C GLU D 23 -44.25 -6.06 2.21
N CYS D 24 -43.88 -6.17 0.93
CA CYS D 24 -44.83 -6.12 -0.16
C CYS D 24 -44.34 -6.99 -1.32
N GLU D 25 -45.23 -7.27 -2.26
CA GLU D 25 -44.89 -8.08 -3.40
C GLU D 25 -43.78 -7.53 -4.27
N ILE D 26 -42.82 -8.39 -4.56
CA ILE D 26 -41.72 -8.06 -5.42
C ILE D 26 -41.82 -9.03 -6.58
N LYS D 27 -41.15 -8.70 -7.68
CA LYS D 27 -41.19 -9.55 -8.86
C LYS D 27 -39.94 -9.38 -9.71
N TYR D 28 -39.36 -10.52 -10.11
CA TYR D 28 -38.17 -10.51 -10.96
C TYR D 28 -38.61 -9.85 -12.27
N THR D 29 -37.81 -8.89 -12.74
CA THR D 29 -38.15 -8.18 -13.98
C THR D 29 -37.16 -8.37 -15.09
N GLY D 30 -36.15 -9.20 -14.85
CA GLY D 30 -35.15 -9.45 -15.87
C GLY D 30 -35.68 -10.34 -16.98
N PHE D 31 -35.22 -10.10 -18.20
CA PHE D 31 -35.62 -10.87 -19.38
C PHE D 31 -37.13 -10.96 -19.60
N ARG D 32 -37.81 -9.85 -19.31
CA ARG D 32 -39.26 -9.74 -19.46
C ARG D 32 -39.79 -10.62 -20.58
N ASP D 33 -39.43 -10.30 -21.81
CA ASP D 33 -39.88 -11.08 -22.96
C ASP D 33 -38.96 -12.25 -23.22
N ARG D 34 -39.27 -13.38 -22.58
CA ARG D 34 -38.53 -14.61 -22.70
C ARG D 34 -39.31 -15.70 -21.97
N PRO D 35 -39.38 -16.90 -22.57
CA PRO D 35 -40.09 -18.02 -21.94
C PRO D 35 -39.84 -18.12 -20.45
N HIS D 36 -40.91 -18.38 -19.70
CA HIS D 36 -40.86 -18.48 -18.25
C HIS D 36 -39.79 -19.43 -17.71
N GLU D 37 -39.65 -20.58 -18.35
CA GLU D 37 -38.67 -21.57 -17.92
C GLU D 37 -37.27 -21.00 -18.04
N GLU D 38 -37.02 -20.26 -19.13
CA GLU D 38 -35.74 -19.65 -19.34
C GLU D 38 -35.49 -18.54 -18.32
N ARG D 39 -36.54 -17.76 -18.02
CA ARG D 39 -36.46 -16.67 -17.07
C ARG D 39 -36.08 -17.24 -15.72
N GLN D 40 -36.61 -18.42 -15.42
CA GLN D 40 -36.32 -19.10 -14.16
C GLN D 40 -34.84 -19.43 -14.08
N ALA D 41 -34.26 -19.85 -15.20
CA ALA D 41 -32.83 -20.18 -15.24
C ALA D 41 -32.00 -18.91 -15.06
N ARG D 42 -32.27 -17.92 -15.90
CA ARG D 42 -31.58 -16.62 -15.86
C ARG D 42 -31.55 -16.09 -14.43
N PHE D 43 -32.73 -16.06 -13.79
CA PHE D 43 -32.86 -15.56 -12.43
C PHE D 43 -31.91 -16.23 -11.46
N GLN D 44 -31.83 -17.56 -11.52
CA GLN D 44 -30.92 -18.27 -10.63
C GLN D 44 -29.46 -18.02 -10.98
N ASN D 45 -29.16 -17.96 -12.28
CA ASN D 45 -27.79 -17.70 -12.71
C ASN D 45 -27.33 -16.35 -12.16
N ALA D 46 -28.11 -15.30 -12.46
CA ALA D 46 -27.80 -13.95 -12.01
C ALA D 46 -27.70 -13.86 -10.48
N CYS D 47 -28.60 -14.56 -9.78
CA CYS D 47 -28.62 -14.56 -8.32
C CYS D 47 -27.35 -15.15 -7.73
N ARG D 48 -27.04 -16.38 -8.15
CA ARG D 48 -25.89 -17.10 -7.65
C ARG D 48 -24.61 -16.32 -7.95
N ASP D 49 -24.68 -15.45 -8.95
CA ASP D 49 -23.53 -14.63 -9.31
C ASP D 49 -23.65 -13.23 -8.66
N GLY D 50 -24.53 -13.13 -7.66
CA GLY D 50 -24.73 -11.91 -6.91
C GLY D 50 -25.58 -10.76 -7.41
N ARG D 51 -26.31 -10.92 -8.51
CA ARG D 51 -27.11 -9.81 -9.02
C ARG D 51 -28.51 -10.17 -9.47
N SER D 52 -29.37 -9.15 -9.59
CA SER D 52 -30.73 -9.32 -10.05
C SER D 52 -31.45 -8.00 -10.31
N GLU D 53 -32.61 -8.11 -10.95
CA GLU D 53 -33.46 -6.96 -11.26
C GLU D 53 -34.82 -7.32 -10.69
N ILE D 54 -35.24 -6.58 -9.68
CA ILE D 54 -36.50 -6.85 -9.03
C ILE D 54 -37.25 -5.56 -8.81
N ALA D 55 -38.55 -5.59 -9.03
CA ALA D 55 -39.37 -4.41 -8.86
C ALA D 55 -40.46 -4.65 -7.82
N PHE D 56 -40.87 -3.58 -7.16
CA PHE D 56 -41.97 -3.68 -6.22
C PHE D 56 -43.17 -3.47 -7.16
N VAL D 57 -44.02 -4.49 -7.29
CA VAL D 57 -45.16 -4.41 -8.21
C VAL D 57 -46.19 -3.33 -7.93
N ALA D 58 -46.65 -3.24 -6.69
CA ALA D 58 -47.67 -2.25 -6.34
C ALA D 58 -47.23 -0.85 -6.80
N THR D 59 -46.14 -0.36 -6.23
CA THR D 59 -45.65 0.97 -6.58
C THR D 59 -44.94 1.07 -7.94
N GLY D 60 -44.45 -0.05 -8.44
CA GLY D 60 -43.76 -0.04 -9.73
C GLY D 60 -42.31 0.42 -9.64
N THR D 61 -41.70 0.21 -8.47
CA THR D 61 -40.32 0.61 -8.22
C THR D 61 -39.40 -0.55 -8.62
N ASN D 62 -38.65 -0.36 -9.70
CA ASN D 62 -37.77 -1.38 -10.21
C ASN D 62 -36.31 -1.10 -9.80
N LEU D 63 -35.61 -2.12 -9.32
CA LEU D 63 -34.24 -1.95 -8.86
C LEU D 63 -33.24 -3.00 -9.35
N SER D 64 -32.02 -2.55 -9.60
CA SER D 64 -30.93 -3.41 -10.03
C SER D 64 -30.22 -3.70 -8.71
N LEU D 65 -30.04 -4.97 -8.37
CA LEU D 65 -29.46 -5.33 -7.10
C LEU D 65 -28.15 -6.10 -7.10
N GLN D 66 -27.28 -5.75 -6.16
CA GLN D 66 -26.00 -6.43 -5.99
C GLN D 66 -26.02 -7.04 -4.59
N PHE D 67 -26.03 -8.36 -4.53
CA PHE D 67 -26.06 -9.08 -3.26
C PHE D 67 -24.67 -9.28 -2.68
N PHE D 68 -24.12 -8.22 -2.07
CA PHE D 68 -22.78 -8.27 -1.46
C PHE D 68 -22.71 -7.24 -0.34
N PRO D 69 -21.78 -7.43 0.63
CA PRO D 69 -21.64 -6.49 1.74
C PRO D 69 -21.45 -5.06 1.24
N THR D 79 -18.57 -15.18 -5.81
CA THR D 79 -19.74 -15.89 -5.30
C THR D 79 -20.23 -15.31 -3.98
N PRO D 80 -21.39 -14.65 -4.00
CA PRO D 80 -21.96 -14.06 -2.79
C PRO D 80 -22.15 -15.12 -1.72
N SER D 81 -21.99 -14.74 -0.45
CA SER D 81 -22.17 -15.70 0.62
C SER D 81 -23.63 -16.14 0.69
N ARG D 82 -23.99 -16.82 1.78
CA ARG D 82 -25.35 -17.30 1.99
C ARG D 82 -26.15 -16.24 2.71
N GLU D 83 -25.44 -15.35 3.40
CA GLU D 83 -26.09 -14.26 4.12
C GLU D 83 -26.84 -13.37 3.13
N TYR D 84 -26.30 -13.26 1.92
CA TYR D 84 -26.91 -12.42 0.88
C TYR D 84 -27.75 -13.20 -0.13
N VAL D 85 -27.34 -14.42 -0.48
CA VAL D 85 -28.11 -15.22 -1.42
C VAL D 85 -28.37 -16.59 -0.79
N ASP D 86 -29.50 -16.71 -0.11
CA ASP D 86 -29.87 -17.95 0.57
C ASP D 86 -30.80 -18.88 -0.21
N LEU D 87 -30.23 -19.90 -0.83
CA LEU D 87 -31.02 -20.88 -1.57
C LEU D 87 -31.38 -22.03 -0.63
N GLU D 88 -30.94 -21.90 0.63
CA GLU D 88 -31.15 -22.89 1.67
C GLU D 88 -32.40 -22.63 2.53
N ARG D 89 -32.31 -21.63 3.40
CA ARG D 89 -33.38 -21.25 4.31
C ARG D 89 -34.74 -21.91 4.08
N GLU D 90 -35.29 -21.79 2.87
CA GLU D 90 -36.57 -22.41 2.56
C GLU D 90 -36.61 -22.94 1.12
N ALA D 91 -36.77 -24.25 0.98
CA ALA D 91 -36.84 -24.88 -0.34
C ALA D 91 -37.87 -24.21 -1.23
N GLY D 92 -37.53 -24.06 -2.52
CA GLY D 92 -38.45 -23.44 -3.45
C GLY D 92 -38.27 -21.95 -3.64
N LYS D 93 -37.49 -21.32 -2.77
CA LYS D 93 -37.27 -19.88 -2.88
C LYS D 93 -35.93 -19.40 -2.31
N VAL D 94 -35.46 -18.27 -2.82
CA VAL D 94 -34.20 -17.70 -2.39
C VAL D 94 -34.41 -16.46 -1.54
N TYR D 95 -33.57 -16.29 -0.53
CA TYR D 95 -33.64 -15.11 0.32
C TYR D 95 -32.49 -14.19 -0.07
N LEU D 96 -32.82 -12.96 -0.48
CA LEU D 96 -31.83 -12.00 -0.92
C LEU D 96 -31.70 -10.77 -0.04
N LYS D 97 -30.47 -10.28 0.09
CA LYS D 97 -30.13 -9.10 0.88
C LYS D 97 -29.27 -8.20 -0.01
N ALA D 98 -29.52 -6.91 -0.02
CA ALA D 98 -28.72 -6.02 -0.88
C ALA D 98 -28.66 -4.56 -0.42
N PRO D 99 -27.48 -4.08 -0.02
CA PRO D 99 -27.22 -2.70 0.44
C PRO D 99 -27.04 -1.74 -0.75
N MET D 100 -27.47 -0.50 -0.59
CA MET D 100 -27.33 0.50 -1.65
C MET D 100 -27.69 1.86 -1.10
N ILE D 101 -27.42 2.91 -1.85
CA ILE D 101 -27.83 4.21 -1.41
C ILE D 101 -28.92 4.55 -2.40
N LEU D 102 -30.16 4.56 -1.93
CA LEU D 102 -31.31 4.86 -2.77
C LEU D 102 -31.77 6.29 -2.50
N ASN D 103 -31.75 7.13 -3.53
CA ASN D 103 -32.16 8.54 -3.40
C ASN D 103 -31.64 9.24 -2.15
N GLY D 104 -30.32 9.22 -1.96
CA GLY D 104 -29.72 9.88 -0.82
C GLY D 104 -29.73 9.19 0.55
N VAL D 105 -30.32 8.00 0.64
CA VAL D 105 -30.34 7.33 1.94
C VAL D 105 -29.90 5.86 1.94
N CYS D 106 -29.02 5.52 2.86
CA CYS D 106 -28.54 4.15 2.94
C CYS D 106 -29.67 3.21 3.28
N VAL D 107 -29.87 2.20 2.45
CA VAL D 107 -30.92 1.24 2.69
C VAL D 107 -30.43 -0.17 2.40
N ILE D 108 -31.26 -1.15 2.76
CA ILE D 108 -30.96 -2.55 2.49
C ILE D 108 -32.23 -3.15 1.95
N TRP D 109 -32.12 -3.83 0.83
CA TRP D 109 -33.27 -4.42 0.19
C TRP D 109 -33.25 -5.90 0.57
N LYS D 110 -34.31 -6.35 1.24
CA LYS D 110 -34.42 -7.74 1.65
C LYS D 110 -35.73 -8.27 1.13
N GLY D 111 -35.71 -9.51 0.69
CA GLY D 111 -36.92 -10.14 0.19
C GLY D 111 -36.58 -11.55 -0.24
N TRP D 112 -37.60 -12.27 -0.67
CA TRP D 112 -37.41 -13.63 -1.13
C TRP D 112 -38.21 -13.75 -2.42
N ILE D 113 -37.82 -14.68 -3.27
CA ILE D 113 -38.53 -14.88 -4.52
C ILE D 113 -38.77 -16.34 -4.79
N ASP D 114 -40.00 -16.65 -5.20
CA ASP D 114 -40.37 -18.02 -5.51
C ASP D 114 -39.63 -18.40 -6.79
N LEU D 115 -38.74 -19.38 -6.70
CA LEU D 115 -37.96 -19.84 -7.84
C LEU D 115 -38.84 -20.37 -8.95
N GLN D 116 -40.11 -20.62 -8.62
CA GLN D 116 -41.07 -21.13 -9.58
C GLN D 116 -41.86 -19.95 -10.17
N ARG D 117 -42.53 -19.21 -9.29
CA ARG D 117 -43.33 -18.07 -9.70
C ARG D 117 -42.50 -16.87 -10.13
N LEU D 118 -41.29 -16.77 -9.57
CA LEU D 118 -40.37 -15.67 -9.87
C LEU D 118 -40.85 -14.35 -9.31
N ASP D 119 -41.66 -14.42 -8.26
CA ASP D 119 -42.15 -13.22 -7.60
C ASP D 119 -42.11 -13.58 -6.12
N GLY D 120 -42.38 -12.60 -5.26
CA GLY D 120 -42.35 -12.89 -3.84
C GLY D 120 -42.62 -11.69 -2.96
N MET D 121 -42.00 -11.70 -1.78
CA MET D 121 -42.17 -10.62 -0.84
C MET D 121 -40.84 -9.97 -0.51
N GLY D 122 -40.84 -8.65 -0.40
CA GLY D 122 -39.61 -7.95 -0.07
C GLY D 122 -39.88 -6.54 0.39
N CYS D 123 -38.83 -5.87 0.87
CA CYS D 123 -38.98 -4.50 1.33
C CYS D 123 -37.63 -3.82 1.53
N LEU D 124 -37.69 -2.53 1.82
CA LEU D 124 -36.52 -1.72 2.08
C LEU D 124 -36.36 -1.60 3.59
N GLU D 125 -35.11 -1.43 4.03
CA GLU D 125 -34.75 -1.27 5.43
C GLU D 125 -33.67 -0.20 5.52
N PHE D 126 -33.84 0.75 6.43
CA PHE D 126 -32.84 1.80 6.62
C PHE D 126 -31.57 1.14 7.20
N ASP D 127 -30.43 1.40 6.56
CA ASP D 127 -29.18 0.81 7.02
C ASP D 127 -28.39 1.81 7.87
N GLU D 128 -28.72 1.87 9.17
CA GLU D 128 -28.09 2.77 10.12
C GLU D 128 -26.57 2.79 10.17
N GLU D 129 -25.96 1.61 10.29
CA GLU D 129 -24.51 1.54 10.35
C GLU D 129 -23.89 2.21 9.11
N ARG D 130 -24.24 1.73 7.92
CA ARG D 130 -23.68 2.30 6.69
C ARG D 130 -24.14 3.73 6.51
N ALA D 131 -25.31 4.08 7.04
CA ALA D 131 -25.81 5.43 6.91
C ALA D 131 -24.98 6.37 7.75
N GLN D 132 -24.41 5.83 8.82
CA GLN D 132 -23.60 6.61 9.75
C GLN D 132 -22.12 6.70 9.39
N GLN D 133 -21.66 5.79 8.54
CA GLN D 133 -20.27 5.78 8.12
C GLN D 133 -20.07 6.78 6.97
N GLU D 134 -21.18 7.33 6.49
CA GLU D 134 -21.14 8.30 5.39
C GLU D 134 -20.77 9.68 5.91
N ASP E 8 33.82 13.54 1.87
CA ASP E 8 34.84 13.03 2.84
C ASP E 8 34.17 12.45 4.09
N HIS E 9 35.01 12.03 5.05
CA HIS E 9 34.58 11.48 6.34
C HIS E 9 34.76 9.96 6.55
N PRO E 10 34.36 9.11 5.59
CA PRO E 10 34.53 7.67 5.82
C PRO E 10 35.90 7.33 6.42
N GLY E 11 36.95 7.93 5.87
CA GLY E 11 38.30 7.72 6.36
C GLY E 11 39.05 6.49 5.90
N GLU E 12 40.06 6.10 6.68
CA GLU E 12 40.92 4.94 6.43
C GLU E 12 40.11 3.64 6.62
N LEU E 13 39.77 2.97 5.53
CA LEU E 13 38.97 1.75 5.62
C LEU E 13 39.63 0.48 5.11
N VAL E 14 39.18 -0.66 5.63
CA VAL E 14 39.67 -1.97 5.21
C VAL E 14 38.43 -2.82 4.96
N ARG E 15 38.59 -3.94 4.26
CA ARG E 15 37.44 -4.81 4.01
C ARG E 15 37.25 -5.68 5.26
N THR E 16 36.05 -6.22 5.42
CA THR E 16 35.74 -7.10 6.54
C THR E 16 35.50 -8.43 5.87
N ASP E 17 35.35 -9.52 6.62
CA ASP E 17 35.13 -10.82 6.00
C ASP E 17 33.79 -10.88 5.27
N SER E 18 33.02 -9.80 5.36
CA SER E 18 31.73 -9.73 4.67
C SER E 18 31.91 -8.85 3.44
N PRO E 19 31.29 -9.23 2.32
CA PRO E 19 31.41 -8.45 1.08
C PRO E 19 30.55 -7.18 1.05
N ASN E 20 29.69 -7.01 2.06
CA ASN E 20 28.78 -5.87 2.14
C ASN E 20 29.19 -4.80 3.15
N PHE E 21 30.33 -4.98 3.81
CA PHE E 21 30.78 -4.01 4.80
C PHE E 21 32.28 -3.76 4.85
N LEU E 22 32.62 -2.51 5.05
CA LEU E 22 34.00 -2.06 5.22
C LEU E 22 33.95 -1.43 6.63
N CYS E 23 35.08 -1.34 7.30
CA CYS E 23 35.12 -0.72 8.63
C CYS E 23 36.44 0.00 8.74
N SER E 24 36.57 0.81 9.79
CA SER E 24 37.79 1.59 9.99
C SER E 24 38.96 0.71 10.36
N VAL E 25 40.15 1.16 9.99
CA VAL E 25 41.38 0.46 10.32
C VAL E 25 41.61 0.73 11.79
N LEU E 26 41.87 -0.33 12.55
CA LEU E 26 42.11 -0.20 13.99
C LEU E 26 43.58 -0.35 14.28
N PRO E 27 44.03 0.11 15.47
CA PRO E 27 45.44 -0.01 15.84
C PRO E 27 45.72 -1.50 16.10
N THR E 28 46.92 -1.94 15.76
CA THR E 28 47.32 -3.33 15.96
C THR E 28 47.32 -3.71 17.44
N HIS E 29 47.80 -2.76 18.23
CA HIS E 29 47.91 -2.93 19.67
C HIS E 29 47.42 -1.61 20.28
N TRP E 30 46.64 -1.70 21.35
CA TRP E 30 46.12 -0.50 21.98
C TRP E 30 45.90 -0.73 23.47
N ARG E 31 45.99 0.36 24.24
CA ARG E 31 45.81 0.25 25.68
C ARG E 31 44.34 0.10 26.02
N CYS E 32 44.08 -0.76 26.98
CA CYS E 32 42.75 -1.04 27.45
C CYS E 32 42.05 0.26 27.89
N ASN E 33 40.81 0.42 27.43
CA ASN E 33 39.98 1.58 27.74
C ASN E 33 40.51 2.94 27.29
N LYS E 34 41.48 2.94 26.39
CA LYS E 34 42.01 4.21 25.89
C LYS E 34 41.26 4.57 24.58
N THR E 35 40.90 5.84 24.46
CA THR E 35 40.19 6.31 23.27
C THR E 35 40.98 5.94 22.02
N LEU E 36 40.27 5.54 20.97
CA LEU E 36 40.93 5.17 19.72
C LEU E 36 41.48 6.39 19.00
N PRO E 37 42.61 6.22 18.28
CA PRO E 37 43.20 7.33 17.55
C PRO E 37 42.31 7.86 16.42
N ILE E 38 41.28 7.10 16.07
CA ILE E 38 40.34 7.49 15.03
C ILE E 38 38.94 7.06 15.47
N ALA E 39 37.91 7.66 14.89
CA ALA E 39 36.54 7.29 15.23
C ALA E 39 36.20 6.03 14.42
N PHE E 40 35.79 4.97 15.12
CA PHE E 40 35.46 3.72 14.44
C PHE E 40 34.20 3.81 13.60
N LYS E 41 34.27 3.33 12.36
CA LYS E 41 33.12 3.37 11.47
C LYS E 41 32.93 2.06 10.71
N VAL E 42 31.67 1.76 10.42
CA VAL E 42 31.30 0.58 9.66
C VAL E 42 30.64 1.17 8.42
N VAL E 43 31.16 0.82 7.25
CA VAL E 43 30.59 1.33 6.02
C VAL E 43 29.86 0.24 5.26
N ALA E 44 28.56 0.44 5.05
CA ALA E 44 27.78 -0.53 4.31
C ALA E 44 27.93 -0.19 2.83
N LEU E 45 28.14 -1.22 2.01
CA LEU E 45 28.26 -1.01 0.58
C LEU E 45 26.83 -1.01 0.03
N GLY E 46 26.20 -2.17 -0.01
CA GLY E 46 24.83 -2.23 -0.50
C GLY E 46 23.85 -1.45 0.38
N ASP E 47 22.74 -1.02 -0.21
CA ASP E 47 21.74 -0.26 0.54
C ASP E 47 21.44 -0.89 1.91
N VAL E 48 21.36 -0.03 2.93
CA VAL E 48 21.02 -0.41 4.30
C VAL E 48 20.30 0.84 4.80
N PRO E 49 19.03 0.71 5.16
CA PRO E 49 18.32 1.91 5.63
C PRO E 49 18.81 2.63 6.86
N ASP E 50 18.74 3.97 6.81
CA ASP E 50 19.14 4.82 7.92
C ASP E 50 18.43 4.34 9.18
N GLY E 51 19.10 4.48 10.32
CA GLY E 51 18.50 4.05 11.57
C GLY E 51 18.84 2.64 11.97
N THR E 52 19.17 1.80 10.99
CA THR E 52 19.52 0.40 11.22
C THR E 52 20.65 0.33 12.24
N LEU E 53 20.44 -0.42 13.32
CA LEU E 53 21.45 -0.54 14.37
C LEU E 53 22.64 -1.41 13.99
N VAL E 54 23.81 -0.98 14.44
CA VAL E 54 25.04 -1.70 14.21
C VAL E 54 25.76 -1.82 15.56
N THR E 55 26.18 -3.03 15.90
CA THR E 55 26.89 -3.23 17.15
C THR E 55 28.21 -3.87 16.83
N VAL E 56 29.14 -3.71 17.75
CA VAL E 56 30.47 -4.28 17.65
C VAL E 56 30.71 -5.16 18.89
N MET E 57 31.42 -6.27 18.69
CA MET E 57 31.77 -7.17 19.78
C MET E 57 33.20 -7.62 19.53
N ALA E 58 33.93 -7.90 20.61
CA ALA E 58 35.32 -8.32 20.46
C ALA E 58 35.59 -9.52 21.35
N GLY E 59 36.47 -10.40 20.88
CA GLY E 59 36.79 -11.58 21.65
C GLY E 59 37.58 -12.58 20.85
N ASN E 60 38.14 -13.55 21.55
CA ASN E 60 38.91 -14.61 20.94
C ASN E 60 38.51 -15.91 21.63
N ASP E 61 39.37 -16.92 21.55
CA ASP E 61 39.10 -18.23 22.15
C ASP E 61 39.05 -18.17 23.67
N GLU E 62 39.81 -17.25 24.25
CA GLU E 62 39.86 -17.10 25.69
C GLU E 62 38.77 -16.15 26.17
N ASN E 63 39.01 -14.86 25.96
CA ASN E 63 38.03 -13.85 26.34
C ASN E 63 37.00 -13.86 25.19
N TYR E 64 35.90 -14.57 25.40
CA TYR E 64 34.87 -14.70 24.38
C TYR E 64 34.16 -13.40 24.01
N SER E 65 34.05 -12.49 24.97
CA SER E 65 33.36 -11.24 24.70
C SER E 65 33.87 -10.13 25.59
N ALA E 66 34.94 -9.48 25.16
CA ALA E 66 35.54 -8.39 25.91
C ALA E 66 34.57 -7.26 26.21
N GLU E 67 34.80 -6.55 27.29
CA GLU E 67 33.95 -5.42 27.63
C GLU E 67 34.29 -4.24 26.73
N LEU E 68 33.24 -3.65 26.13
CA LEU E 68 33.42 -2.52 25.24
C LEU E 68 32.59 -1.33 25.70
N ARG E 69 32.97 -0.14 25.26
CA ARG E 69 32.22 1.05 25.60
C ARG E 69 31.73 1.70 24.30
N ASN E 70 30.44 2.04 24.25
CA ASN E 70 29.84 2.69 23.09
C ASN E 70 30.03 1.85 21.85
N ALA E 71 29.64 0.59 21.95
CA ALA E 71 29.78 -0.35 20.85
C ALA E 71 28.50 -0.51 20.04
N THR E 72 27.67 0.53 20.02
CA THR E 72 26.43 0.50 19.25
C THR E 72 26.37 1.79 18.46
N ALA E 73 25.76 1.75 17.27
CA ALA E 73 25.63 2.95 16.45
C ALA E 73 24.50 2.77 15.45
N ALA E 74 24.19 3.83 14.71
CA ALA E 74 23.11 3.77 13.72
C ALA E 74 23.58 4.22 12.35
N MET E 75 23.16 3.47 11.34
CA MET E 75 23.50 3.79 9.96
C MET E 75 22.89 5.13 9.56
N LYS E 76 23.67 5.92 8.86
CA LYS E 76 23.22 7.21 8.38
C LYS E 76 23.99 7.39 7.08
N ASN E 77 23.31 7.17 5.96
CA ASN E 77 23.94 7.28 4.66
C ASN E 77 25.02 6.22 4.46
N GLN E 78 24.70 4.97 4.78
CA GLN E 78 25.60 3.84 4.61
C GLN E 78 26.77 3.81 5.59
N VAL E 79 26.81 4.77 6.50
CA VAL E 79 27.88 4.85 7.47
C VAL E 79 27.40 4.87 8.93
N ALA E 80 27.89 3.91 9.71
CA ALA E 80 27.54 3.84 11.14
C ALA E 80 28.81 4.29 11.87
N ARG E 81 28.74 5.48 12.46
CA ARG E 81 29.86 6.07 13.17
C ARG E 81 29.72 5.79 14.65
N PHE E 82 30.76 5.17 15.23
CA PHE E 82 30.74 4.88 16.64
C PHE E 82 31.34 6.03 17.40
N ASN E 83 30.63 6.43 18.44
CA ASN E 83 31.02 7.54 19.30
C ASN E 83 31.97 7.06 20.40
N ASP E 84 33.26 7.31 20.20
CA ASP E 84 34.28 6.89 21.17
C ASP E 84 34.23 5.41 21.54
N LEU E 85 34.37 4.54 20.56
CA LEU E 85 34.38 3.10 20.82
C LEU E 85 35.62 2.80 21.63
N ARG E 86 35.46 2.00 22.67
CA ARG E 86 36.58 1.65 23.53
C ARG E 86 36.58 0.18 23.89
N PHE E 87 37.77 -0.41 23.86
CA PHE E 87 37.96 -1.81 24.22
C PHE E 87 38.40 -1.80 25.69
N VAL E 88 37.52 -2.21 26.58
CA VAL E 88 37.82 -2.22 28.01
C VAL E 88 38.45 -3.54 28.43
N GLY E 89 37.86 -4.65 28.00
CA GLY E 89 38.40 -5.95 28.32
C GLY E 89 39.71 -6.11 27.57
N ARG E 90 40.62 -6.92 28.09
CA ARG E 90 41.90 -7.07 27.42
C ARG E 90 42.06 -8.48 26.86
N SER E 91 42.90 -8.62 25.85
CA SER E 91 43.13 -9.92 25.25
C SER E 91 44.45 -10.46 25.81
N GLY E 92 45.06 -9.68 26.70
CA GLY E 92 46.31 -10.04 27.34
C GLY E 92 47.34 -10.72 26.46
N ARG E 93 47.95 -11.78 26.98
CA ARG E 93 48.96 -12.53 26.25
C ARG E 93 48.31 -13.47 25.24
N GLY E 94 46.98 -13.42 25.17
CA GLY E 94 46.26 -14.26 24.24
C GLY E 94 46.17 -13.66 22.85
N LYS E 95 45.43 -14.34 21.97
CA LYS E 95 45.27 -13.86 20.60
C LYS E 95 44.61 -12.48 20.57
N SER E 96 44.90 -11.70 19.54
CA SER E 96 44.29 -10.39 19.41
C SER E 96 42.81 -10.61 19.09
N PHE E 97 41.95 -9.72 19.58
CA PHE E 97 40.52 -9.83 19.36
C PHE E 97 40.06 -9.90 17.91
N THR E 98 38.92 -10.53 17.74
CA THR E 98 38.27 -10.65 16.47
C THR E 98 37.03 -9.79 16.66
N LEU E 99 36.82 -8.84 15.74
CA LEU E 99 35.66 -8.00 15.82
C LEU E 99 34.49 -8.70 15.15
N THR E 100 33.31 -8.59 15.75
CA THR E 100 32.13 -9.15 15.16
C THR E 100 31.20 -7.96 14.98
N ILE E 101 30.94 -7.62 13.72
CA ILE E 101 30.09 -6.49 13.41
C ILE E 101 28.71 -7.03 13.06
N THR E 102 27.69 -6.55 13.76
CA THR E 102 26.35 -7.01 13.46
C THR E 102 25.47 -5.86 13.04
N VAL E 103 24.94 -5.96 11.82
CA VAL E 103 24.06 -4.95 11.25
C VAL E 103 22.67 -5.54 11.36
N PHE E 104 21.83 -4.91 12.18
CA PHE E 104 20.49 -5.45 12.40
C PHE E 104 19.41 -5.19 11.38
N THR E 105 19.59 -5.80 10.20
CA THR E 105 18.59 -5.74 9.13
C THR E 105 17.79 -7.01 9.42
N ASN E 106 16.91 -7.42 8.51
CA ASN E 106 16.13 -8.64 8.74
C ASN E 106 16.27 -9.65 7.61
N PRO E 107 17.00 -10.76 7.86
CA PRO E 107 17.70 -11.08 9.10
C PRO E 107 18.98 -10.23 9.29
N PRO E 108 19.66 -10.38 10.43
CA PRO E 108 20.87 -9.59 10.66
C PRO E 108 21.97 -9.98 9.69
N GLN E 109 22.93 -9.09 9.49
CA GLN E 109 24.08 -9.39 8.64
C GLN E 109 25.25 -9.27 9.63
N VAL E 110 26.17 -10.22 9.53
CA VAL E 110 27.30 -10.24 10.42
C VAL E 110 28.59 -10.25 9.64
N ALA E 111 29.50 -9.41 10.08
CA ALA E 111 30.79 -9.30 9.42
C ALA E 111 31.86 -9.45 10.49
N THR E 112 32.84 -10.31 10.24
CA THR E 112 33.90 -10.47 11.20
C THR E 112 35.13 -9.77 10.67
N TYR E 113 36.08 -9.60 11.56
CA TYR E 113 37.35 -8.94 11.29
C TYR E 113 38.29 -9.61 12.31
N HIS E 114 39.01 -10.64 11.86
CA HIS E 114 39.94 -11.37 12.72
C HIS E 114 41.27 -10.65 12.87
N ARG E 115 41.96 -10.93 13.97
CA ARG E 115 43.25 -10.32 14.29
C ARG E 115 43.08 -8.82 14.13
N ALA E 116 41.91 -8.33 14.57
CA ALA E 116 41.59 -6.92 14.43
C ALA E 116 42.41 -6.04 15.34
N ILE E 117 42.59 -6.46 16.59
CA ILE E 117 43.32 -5.63 17.54
C ILE E 117 43.72 -6.34 18.83
N LYS E 118 44.90 -5.99 19.33
CA LYS E 118 45.43 -6.55 20.57
C LYS E 118 45.20 -5.49 21.65
N ILE E 119 44.58 -5.89 22.75
CA ILE E 119 44.28 -4.97 23.84
C ILE E 119 44.98 -5.40 25.13
N THR E 120 45.89 -4.56 25.61
CA THR E 120 46.60 -4.85 26.86
C THR E 120 46.44 -3.70 27.83
N VAL E 121 46.76 -3.95 29.10
CA VAL E 121 46.63 -2.91 30.11
C VAL E 121 47.56 -1.74 29.84
N ASP E 122 48.74 -2.01 29.30
CA ASP E 122 49.67 -0.92 29.02
C ASP E 122 49.64 -0.50 27.55
N GLY E 123 49.38 -1.44 26.65
CA GLY E 123 49.34 -1.11 25.24
C GLY E 123 50.75 -0.78 24.74
N PRO E 124 50.87 -0.11 23.58
CA PRO E 124 52.13 0.30 22.93
C PRO E 124 53.04 1.17 23.80
N ARG E 125 54.14 1.66 23.23
CA ARG E 125 55.17 2.54 23.99
C ARG E 125 55.29 4.17 23.14
N GLU E 126 55.64 5.28 22.82
CA GLU E 126 55.83 5.33 21.40
C GLU E 126 57.31 5.06 21.06
N PRO F 1 20.25 -9.24 1.44
CA PRO F 1 21.01 -7.96 1.46
C PRO F 1 22.37 -8.03 0.73
N ARG F 2 23.31 -8.85 1.19
CA ARG F 2 24.57 -8.96 0.46
C ARG F 2 25.33 -10.24 0.75
N VAL F 3 25.64 -10.93 -0.33
CA VAL F 3 26.31 -12.21 -0.23
C VAL F 3 27.40 -12.37 -1.25
N VAL F 4 28.24 -13.37 -1.05
CA VAL F 4 29.33 -13.71 -1.96
C VAL F 4 28.63 -14.29 -3.19
N PRO F 5 29.26 -14.24 -4.38
CA PRO F 5 28.58 -14.81 -5.55
C PRO F 5 28.22 -16.29 -5.42
N ASP F 6 29.08 -17.07 -4.75
CA ASP F 6 28.82 -18.49 -4.56
C ASP F 6 28.82 -18.86 -3.07
N GLN F 7 27.71 -18.56 -2.39
CA GLN F 7 27.57 -18.83 -0.98
C GLN F 7 27.90 -20.24 -0.52
N ARG F 8 27.11 -21.22 -0.94
CA ARG F 8 27.33 -22.61 -0.52
C ARG F 8 28.77 -23.11 -0.66
N SER F 9 29.45 -22.68 -1.70
CA SER F 9 30.82 -23.14 -1.87
C SER F 9 31.75 -22.56 -0.82
N LYS F 10 31.53 -21.30 -0.44
CA LYS F 10 32.36 -20.66 0.58
C LYS F 10 32.11 -21.35 1.93
N PHE F 11 30.84 -21.69 2.19
CA PHE F 11 30.41 -22.36 3.41
C PHE F 11 30.97 -23.79 3.57
N GLU F 12 31.24 -24.44 2.45
CA GLU F 12 31.75 -25.82 2.44
C GLU F 12 33.26 -25.93 2.38
N ASN F 13 33.92 -24.95 1.77
CA ASN F 13 35.36 -25.00 1.63
C ASN F 13 36.16 -24.04 2.50
N GLU F 14 35.49 -23.14 3.20
CA GLU F 14 36.23 -22.20 4.03
C GLU F 14 36.28 -22.59 5.51
N GLU F 15 37.50 -22.72 6.04
CA GLU F 15 37.69 -23.08 7.43
C GLU F 15 36.65 -22.39 8.33
N PHE F 16 36.62 -21.07 8.33
CA PHE F 16 35.74 -20.27 9.20
C PHE F 16 34.40 -20.97 9.38
N PHE F 17 33.81 -21.41 8.27
CA PHE F 17 32.51 -22.10 8.34
C PHE F 17 32.58 -23.60 8.61
N ARG F 18 33.68 -24.23 8.20
CA ARG F 18 33.80 -25.68 8.41
C ARG F 18 33.83 -25.96 9.90
N LYS F 19 34.73 -25.26 10.59
CA LYS F 19 34.92 -25.41 12.03
C LYS F 19 33.63 -25.19 12.80
N LEU F 20 32.65 -24.57 12.16
CA LEU F 20 31.35 -24.27 12.79
C LEU F 20 30.18 -25.06 12.19
N SER F 21 30.46 -25.89 11.19
CA SER F 21 29.40 -26.65 10.52
C SER F 21 28.86 -27.91 11.24
N ARG F 22 29.67 -28.50 12.11
CA ARG F 22 29.25 -29.69 12.85
C ARG F 22 29.09 -29.33 14.32
N GLU F 23 28.02 -29.85 14.93
CA GLU F 23 27.73 -29.58 16.33
C GLU F 23 28.96 -29.42 17.21
N CYS F 24 29.00 -28.34 17.97
CA CYS F 24 30.11 -28.09 18.88
C CYS F 24 29.67 -27.22 20.05
N GLU F 25 30.52 -27.13 21.05
CA GLU F 25 30.22 -26.36 22.25
C GLU F 25 29.95 -24.87 22.04
N ILE F 26 28.77 -24.45 22.47
CA ILE F 26 28.39 -23.05 22.38
C ILE F 26 28.29 -22.58 23.82
N LYS F 27 28.31 -21.27 24.03
CA LYS F 27 28.23 -20.72 25.38
C LYS F 27 27.63 -19.31 25.41
N TYR F 28 26.60 -19.13 26.23
CA TYR F 28 25.98 -17.82 26.39
C TYR F 28 27.10 -16.90 26.84
N THR F 29 27.25 -15.74 26.19
CA THR F 29 28.32 -14.83 26.52
C THR F 29 27.86 -13.49 27.07
N GLY F 30 26.55 -13.33 27.21
CA GLY F 30 26.03 -12.08 27.72
C GLY F 30 26.23 -11.91 29.21
N PHE F 31 26.40 -10.66 29.63
CA PHE F 31 26.61 -10.32 31.04
C PHE F 31 27.75 -11.08 31.70
N ARG F 32 28.84 -11.24 30.96
CA ARG F 32 30.03 -11.95 31.43
C ARG F 32 30.26 -11.75 32.91
N ASP F 33 30.61 -10.53 33.30
CA ASP F 33 30.85 -10.23 34.70
C ASP F 33 29.55 -9.88 35.40
N ARG F 34 28.94 -10.92 35.96
CA ARG F 34 27.70 -10.82 36.70
C ARG F 34 27.40 -12.19 37.31
N PRO F 35 26.86 -12.21 38.53
CA PRO F 35 26.53 -13.46 39.22
C PRO F 35 25.83 -14.47 38.31
N HIS F 36 26.25 -15.72 38.40
CA HIS F 36 25.70 -16.80 37.57
C HIS F 36 24.18 -16.93 37.63
N GLU F 37 23.60 -16.72 38.81
CA GLU F 37 22.16 -16.83 38.97
C GLU F 37 21.46 -15.71 38.18
N GLU F 38 22.10 -14.56 38.12
CA GLU F 38 21.56 -13.42 37.40
C GLU F 38 21.67 -13.67 35.89
N ARG F 39 22.82 -14.18 35.46
CA ARG F 39 23.07 -14.50 34.05
C ARG F 39 22.04 -15.50 33.56
N GLN F 40 21.63 -16.40 34.45
CA GLN F 40 20.64 -17.40 34.09
C GLN F 40 19.30 -16.70 33.82
N ALA F 41 19.03 -15.65 34.60
CA ALA F 41 17.79 -14.90 34.45
C ALA F 41 17.83 -14.13 33.14
N ARG F 42 18.85 -13.31 32.98
CA ARG F 42 19.08 -12.51 31.77
C ARG F 42 18.89 -13.36 30.53
N PHE F 43 19.62 -14.48 30.49
CA PHE F 43 19.54 -15.38 29.36
C PHE F 43 18.11 -15.82 29.08
N GLN F 44 17.39 -16.17 30.15
CA GLN F 44 16.00 -16.58 30.02
C GLN F 44 15.18 -15.45 29.41
N ASN F 45 15.31 -14.25 29.97
CA ASN F 45 14.57 -13.10 29.47
C ASN F 45 14.91 -12.88 28.01
N ALA F 46 16.19 -12.60 27.75
CA ALA F 46 16.69 -12.35 26.40
C ALA F 46 16.14 -13.30 25.35
N CYS F 47 16.09 -14.60 25.68
CA CYS F 47 15.58 -15.61 24.76
C CYS F 47 14.11 -15.44 24.46
N ARG F 48 13.31 -15.32 25.52
CA ARG F 48 11.87 -15.17 25.36
C ARG F 48 11.55 -13.94 24.53
N ASP F 49 12.43 -12.96 24.58
CA ASP F 49 12.25 -11.73 23.81
C ASP F 49 13.01 -11.86 22.47
N GLY F 50 13.32 -13.10 22.11
CA GLY F 50 14.01 -13.43 20.88
C GLY F 50 15.48 -13.02 20.59
N ARG F 51 16.29 -12.69 21.59
CA ARG F 51 17.68 -12.19 21.41
C ARG F 51 18.65 -12.87 22.40
N SER F 52 19.86 -13.03 21.93
CA SER F 52 20.96 -13.62 22.71
C SER F 52 22.36 -13.41 22.14
N GLU F 53 23.36 -13.64 22.98
CA GLU F 53 24.76 -13.53 22.58
C GLU F 53 25.38 -14.87 22.94
N ILE F 54 25.75 -15.63 21.91
CA ILE F 54 26.32 -16.93 22.12
C ILE F 54 27.59 -17.03 21.29
N ALA F 55 28.57 -17.75 21.80
CA ALA F 55 29.80 -17.90 21.07
C ALA F 55 30.22 -19.37 20.97
N PHE F 56 30.81 -19.74 19.84
CA PHE F 56 31.32 -21.09 19.68
C PHE F 56 32.64 -21.01 20.46
N VAL F 57 32.70 -21.67 21.61
CA VAL F 57 33.87 -21.59 22.48
C VAL F 57 35.21 -22.05 21.91
N ALA F 58 35.22 -23.18 21.22
CA ALA F 58 36.47 -23.67 20.65
C ALA F 58 37.13 -22.62 19.76
N THR F 59 36.37 -22.07 18.84
CA THR F 59 36.89 -21.07 17.92
C THR F 59 36.94 -19.64 18.45
N GLY F 60 36.11 -19.34 19.42
CA GLY F 60 36.08 -17.99 19.96
C GLY F 60 35.25 -17.06 19.09
N THR F 61 34.33 -17.65 18.32
CA THR F 61 33.45 -16.93 17.43
C THR F 61 32.18 -16.57 18.18
N ASN F 62 32.02 -15.29 18.47
CA ASN F 62 30.87 -14.81 19.21
C ASN F 62 29.83 -14.20 18.28
N LEU F 63 28.55 -14.48 18.55
CA LEU F 63 27.47 -13.96 17.70
C LEU F 63 26.26 -13.43 18.46
N SER F 64 25.68 -12.37 17.92
CA SER F 64 24.47 -11.77 18.49
C SER F 64 23.38 -12.40 17.62
N LEU F 65 22.40 -13.03 18.26
CA LEU F 65 21.36 -13.75 17.53
C LEU F 65 19.93 -13.27 17.72
N GLN F 66 19.16 -13.32 16.64
CA GLN F 66 17.75 -12.94 16.67
C GLN F 66 16.98 -14.19 16.30
N PHE F 67 16.14 -14.65 17.22
CA PHE F 67 15.37 -15.87 17.01
C PHE F 67 14.01 -15.68 16.32
N PHE F 68 14.03 -15.11 15.12
CA PHE F 68 12.79 -14.92 14.35
C PHE F 68 13.05 -15.37 12.91
N PRO F 69 11.99 -15.63 12.13
CA PRO F 69 12.12 -16.07 10.73
C PRO F 69 13.02 -15.17 9.87
N THR F 79 7.19 -11.58 20.91
CA THR F 79 7.60 -12.94 21.29
C THR F 79 7.76 -13.86 20.08
N PRO F 80 8.89 -14.59 20.03
CA PRO F 80 9.18 -15.53 18.94
C PRO F 80 8.37 -16.80 19.16
N SER F 81 8.14 -17.58 18.09
CA SER F 81 7.37 -18.80 18.23
C SER F 81 8.16 -19.83 19.04
N ARG F 82 7.74 -21.09 18.94
CA ARG F 82 8.41 -22.18 19.63
C ARG F 82 9.41 -22.80 18.67
N GLU F 83 9.25 -22.48 17.38
CA GLU F 83 10.13 -22.99 16.36
C GLU F 83 11.53 -22.40 16.51
N TYR F 84 11.59 -21.15 16.99
CA TYR F 84 12.87 -20.47 17.18
C TYR F 84 13.36 -20.49 18.63
N VAL F 85 12.44 -20.47 19.58
CA VAL F 85 12.81 -20.51 20.99
C VAL F 85 12.00 -21.64 21.62
N ASP F 86 12.61 -22.81 21.74
CA ASP F 86 11.94 -23.98 22.30
C ASP F 86 12.37 -24.40 23.70
N LEU F 87 11.50 -24.16 24.68
CA LEU F 87 11.76 -24.53 26.07
C LEU F 87 11.01 -25.80 26.42
N GLU F 88 10.43 -26.43 25.41
CA GLU F 88 9.66 -27.67 25.57
C GLU F 88 10.50 -28.91 25.28
N ARG F 89 10.83 -29.12 24.02
CA ARG F 89 11.61 -30.27 23.55
C ARG F 89 12.34 -31.09 24.62
N GLU F 90 13.05 -30.42 25.51
CA GLU F 90 13.77 -31.12 26.59
C GLU F 90 13.95 -30.22 27.81
N ALA F 91 13.17 -30.48 28.85
CA ALA F 91 13.24 -29.70 30.08
C ALA F 91 14.69 -29.46 30.49
N GLY F 92 14.96 -28.29 31.06
CA GLY F 92 16.31 -27.98 31.48
C GLY F 92 17.10 -27.16 30.47
N LYS F 93 16.67 -27.17 29.22
CA LYS F 93 17.37 -26.40 28.19
C LYS F 93 16.45 -25.87 27.09
N VAL F 94 16.95 -24.88 26.36
CA VAL F 94 16.17 -24.28 25.28
C VAL F 94 16.78 -24.58 23.92
N TYR F 95 15.94 -24.90 22.95
CA TYR F 95 16.41 -25.15 21.60
C TYR F 95 16.21 -23.85 20.80
N LEU F 96 17.29 -23.32 20.23
CA LEU F 96 17.24 -22.07 19.49
C LEU F 96 17.62 -22.16 18.02
N LYS F 97 16.97 -21.34 17.21
CA LYS F 97 17.19 -21.27 15.76
C LYS F 97 17.36 -19.78 15.39
N ALA F 98 18.35 -19.46 14.57
CA ALA F 98 18.57 -18.07 14.19
C ALA F 98 19.19 -17.88 12.80
N PRO F 99 18.41 -17.34 11.86
CA PRO F 99 18.85 -17.09 10.47
C PRO F 99 19.62 -15.78 10.34
N MET F 100 20.72 -15.76 9.60
CA MET F 100 21.48 -14.51 9.41
C MET F 100 22.36 -14.62 8.17
N ILE F 101 23.02 -13.52 7.81
CA ILE F 101 23.95 -13.61 6.70
C ILE F 101 25.26 -13.37 7.40
N LEU F 102 26.11 -14.38 7.40
CA LEU F 102 27.40 -14.31 8.04
C LEU F 102 28.50 -14.30 6.99
N ASN F 103 29.35 -13.29 7.05
CA ASN F 103 30.44 -13.13 6.09
C ASN F 103 30.08 -13.52 4.65
N GLY F 104 29.01 -12.92 4.14
CA GLY F 104 28.59 -13.17 2.78
C GLY F 104 27.74 -14.39 2.48
N VAL F 105 27.49 -15.25 3.47
CA VAL F 105 26.68 -16.41 3.19
C VAL F 105 25.49 -16.61 4.11
N CYS F 106 24.37 -17.02 3.53
CA CYS F 106 23.16 -17.24 4.29
C CYS F 106 23.26 -18.49 5.14
N VAL F 107 23.24 -18.33 6.45
CA VAL F 107 23.34 -19.46 7.34
C VAL F 107 22.22 -19.46 8.37
N ILE F 108 22.07 -20.59 9.06
CA ILE F 108 21.10 -20.71 10.14
C ILE F 108 21.87 -21.22 11.34
N TRP F 109 21.73 -20.53 12.46
CA TRP F 109 22.44 -20.91 13.66
C TRP F 109 21.48 -21.71 14.52
N LYS F 110 21.82 -22.98 14.76
CA LYS F 110 20.98 -23.86 15.56
C LYS F 110 21.79 -24.44 16.70
N GLY F 111 21.17 -24.45 17.87
CA GLY F 111 21.82 -24.97 19.05
C GLY F 111 20.85 -25.01 20.23
N TRP F 112 21.31 -25.56 21.33
CA TRP F 112 20.53 -25.63 22.55
C TRP F 112 21.44 -25.22 23.69
N ILE F 113 20.87 -24.67 24.75
CA ILE F 113 21.71 -24.26 25.86
C ILE F 113 21.13 -24.72 27.18
N ASP F 114 22.01 -25.21 28.05
CA ASP F 114 21.61 -25.67 29.37
C ASP F 114 21.26 -24.45 30.22
N LEU F 115 20.00 -24.38 30.64
CA LEU F 115 19.52 -23.27 31.46
C LEU F 115 20.30 -23.12 32.76
N GLN F 116 21.00 -24.17 33.15
CA GLN F 116 21.78 -24.14 34.39
C GLN F 116 23.21 -23.71 34.08
N ARG F 117 23.88 -24.49 33.23
CA ARG F 117 25.26 -24.21 32.86
C ARG F 117 25.44 -23.03 31.95
N LEU F 118 24.38 -22.68 31.21
CA LEU F 118 24.43 -21.56 30.27
C LEU F 118 25.39 -21.84 29.12
N ASP F 119 25.46 -23.11 28.73
CA ASP F 119 26.30 -23.51 27.63
C ASP F 119 25.58 -24.69 27.00
N GLY F 120 26.12 -25.16 25.87
CA GLY F 120 25.49 -26.28 25.20
C GLY F 120 26.11 -26.62 23.86
N MET F 121 25.30 -27.19 22.98
CA MET F 121 25.77 -27.59 21.66
C MET F 121 25.07 -26.84 20.55
N GLY F 122 25.82 -26.42 19.55
CA GLY F 122 25.22 -25.72 18.45
C GLY F 122 26.10 -25.72 17.22
N CYS F 123 25.53 -25.31 16.10
CA CYS F 123 26.30 -25.25 14.87
C CYS F 123 25.69 -24.32 13.84
N LEU F 124 26.42 -24.11 12.75
CA LEU F 124 25.97 -23.30 11.65
C LEU F 124 25.39 -24.25 10.60
N GLU F 125 24.58 -23.71 9.69
CA GLU F 125 23.97 -24.46 8.60
C GLU F 125 23.74 -23.54 7.42
N PHE F 126 24.14 -23.96 6.23
CA PHE F 126 23.92 -23.14 5.05
C PHE F 126 22.41 -23.08 4.82
N ASP F 127 21.87 -21.87 4.68
CA ASP F 127 20.44 -21.69 4.49
C ASP F 127 20.09 -21.51 3.02
N GLU F 128 20.11 -22.65 2.33
CA GLU F 128 19.83 -22.70 0.93
C GLU F 128 18.81 -21.66 0.42
N GLU F 129 17.62 -21.93 0.90
CA GLU F 129 16.42 -21.16 0.49
C GLU F 129 16.70 -19.67 0.54
N ARG F 130 17.07 -19.16 1.70
CA ARG F 130 17.37 -17.75 1.85
C ARG F 130 18.60 -17.32 1.04
N ALA F 131 19.49 -18.25 0.73
CA ALA F 131 20.67 -17.90 -0.04
C ALA F 131 20.30 -17.74 -1.50
N GLN F 132 19.16 -18.32 -1.88
CA GLN F 132 18.70 -18.26 -3.27
C GLN F 132 17.78 -17.09 -3.53
N GLN F 133 17.07 -16.64 -2.51
CA GLN F 133 16.19 -15.50 -2.65
C GLN F 133 17.02 -14.21 -2.66
N GLU F 134 18.35 -14.36 -2.60
CA GLU F 134 19.27 -13.24 -2.59
C GLU F 134 19.70 -12.85 -4.02
N ASP G 8 41.47 -4.85 4.12
CA ASP G 8 42.26 -3.64 3.78
C ASP G 8 42.04 -3.28 2.33
N HIS G 9 42.91 -2.42 1.79
CA HIS G 9 42.89 -1.97 0.39
C HIS G 9 42.24 -0.62 0.02
N PRO G 10 40.91 -0.47 0.17
CA PRO G 10 40.33 0.83 -0.20
C PRO G 10 41.08 2.07 0.30
N GLY G 11 41.73 1.94 1.46
CA GLY G 11 42.47 3.07 2.00
C GLY G 11 41.64 4.26 2.44
N GLU G 12 42.26 5.44 2.41
CA GLU G 12 41.60 6.68 2.79
C GLU G 12 40.49 7.04 1.79
N LEU G 13 39.27 7.25 2.26
CA LEU G 13 38.17 7.56 1.36
C LEU G 13 37.33 8.76 1.72
N VAL G 14 36.81 9.42 0.70
CA VAL G 14 35.94 10.58 0.89
C VAL G 14 34.68 10.33 0.10
N ARG G 15 33.62 11.07 0.44
CA ARG G 15 32.37 10.90 -0.27
C ARG G 15 32.45 11.71 -1.56
N THR G 16 31.73 11.28 -2.58
CA THR G 16 31.70 12.01 -3.84
C THR G 16 30.38 12.77 -3.71
N ASP G 17 29.94 13.46 -4.75
CA ASP G 17 28.68 14.18 -4.64
C ASP G 17 27.49 13.26 -4.89
N SER G 18 27.79 11.99 -5.20
CA SER G 18 26.74 10.98 -5.43
C SER G 18 26.67 10.12 -4.17
N PRO G 19 25.47 9.69 -3.79
CA PRO G 19 25.31 8.86 -2.58
C PRO G 19 25.68 7.39 -2.83
N ASN G 20 26.14 7.10 -4.03
CA ASN G 20 26.49 5.73 -4.36
C ASN G 20 27.99 5.52 -4.52
N PHE G 21 28.75 6.61 -4.42
CA PHE G 21 30.19 6.50 -4.60
C PHE G 21 31.09 7.25 -3.64
N LEU G 22 32.23 6.63 -3.36
CA LEU G 22 33.24 7.18 -2.50
C LEU G 22 34.46 7.10 -3.40
N CYS G 23 35.48 7.89 -3.14
CA CYS G 23 36.71 7.78 -3.92
C CYS G 23 37.90 8.09 -3.02
N SER G 24 39.08 7.81 -3.52
CA SER G 24 40.29 8.05 -2.76
C SER G 24 40.45 9.54 -2.48
N VAL G 25 41.15 9.86 -1.40
CA VAL G 25 41.42 11.26 -1.10
C VAL G 25 42.60 11.58 -2.00
N LEU G 26 42.54 12.75 -2.62
CA LEU G 26 43.59 13.17 -3.52
C LEU G 26 44.40 14.30 -2.90
N PRO G 27 45.65 14.47 -3.33
CA PRO G 27 46.46 15.55 -2.77
C PRO G 27 45.72 16.86 -3.03
N THR G 28 45.71 17.76 -2.05
CA THR G 28 45.04 19.03 -2.25
C THR G 28 45.71 19.76 -3.41
N HIS G 29 47.02 19.58 -3.53
CA HIS G 29 47.82 20.20 -4.59
C HIS G 29 48.82 19.15 -5.08
N TRP G 30 49.00 19.08 -6.40
CA TRP G 30 49.92 18.09 -6.94
C TRP G 30 50.55 18.57 -8.25
N ARG G 31 51.70 18.00 -8.59
CA ARG G 31 52.43 18.39 -9.78
C ARG G 31 52.03 17.69 -11.08
N CYS G 32 51.97 18.47 -12.14
CA CYS G 32 51.62 17.99 -13.47
C CYS G 32 52.38 16.72 -13.86
N ASN G 33 51.64 15.73 -14.32
CA ASN G 33 52.18 14.45 -14.78
C ASN G 33 52.93 13.61 -13.75
N LYS G 34 52.86 14.01 -12.48
CA LYS G 34 53.52 13.29 -11.39
C LYS G 34 52.57 12.21 -10.83
N THR G 35 53.05 10.98 -10.73
CA THR G 35 52.26 9.87 -10.21
C THR G 35 51.67 10.26 -8.85
N LEU G 36 50.45 9.77 -8.58
CA LEU G 36 49.76 10.08 -7.32
C LEU G 36 50.33 9.32 -6.13
N PRO G 37 50.34 9.96 -4.95
CA PRO G 37 50.85 9.34 -3.71
C PRO G 37 50.11 8.06 -3.36
N ILE G 38 48.90 7.93 -3.89
CA ILE G 38 48.11 6.74 -3.66
C ILE G 38 47.43 6.33 -4.94
N ALA G 39 47.04 5.07 -5.02
CA ALA G 39 46.35 4.58 -6.20
C ALA G 39 44.91 5.12 -6.11
N PHE G 40 44.51 5.93 -7.08
CA PHE G 40 43.16 6.47 -7.06
C PHE G 40 42.15 5.32 -7.21
N LYS G 41 41.18 5.28 -6.30
CA LYS G 41 40.14 4.27 -6.28
C LYS G 41 38.75 4.91 -6.18
N VAL G 42 37.76 4.27 -6.80
CA VAL G 42 36.39 4.75 -6.75
C VAL G 42 35.67 3.56 -6.14
N VAL G 43 35.00 3.78 -5.02
CA VAL G 43 34.29 2.70 -4.37
C VAL G 43 32.78 2.79 -4.51
N ALA G 44 32.16 1.76 -5.08
CA ALA G 44 30.72 1.77 -5.23
C ALA G 44 30.03 1.26 -3.97
N LEU G 45 29.00 1.96 -3.53
CA LEU G 45 28.29 1.51 -2.34
C LEU G 45 27.33 0.44 -2.82
N GLY G 46 26.26 0.84 -3.50
CA GLY G 46 25.30 -0.12 -4.00
C GLY G 46 25.95 -1.10 -4.96
N ASP G 47 25.33 -2.26 -5.13
CA ASP G 47 25.83 -3.30 -6.04
C ASP G 47 26.10 -2.81 -7.46
N VAL G 48 27.31 -3.05 -7.94
CA VAL G 48 27.69 -2.68 -9.29
C VAL G 48 28.45 -3.89 -9.81
N PRO G 49 27.94 -4.54 -10.86
CA PRO G 49 28.57 -5.72 -11.45
C PRO G 49 30.03 -5.56 -11.81
N ASP G 50 30.83 -6.58 -11.52
CA ASP G 50 32.25 -6.54 -11.84
C ASP G 50 32.39 -6.32 -13.34
N GLY G 51 33.47 -5.67 -13.73
CA GLY G 51 33.68 -5.43 -15.14
C GLY G 51 33.11 -4.10 -15.57
N THR G 52 32.23 -3.51 -14.74
CA THR G 52 31.66 -2.21 -15.08
C THR G 52 32.75 -1.14 -15.23
N LEU G 53 32.81 -0.53 -16.42
CA LEU G 53 33.80 0.49 -16.68
C LEU G 53 33.57 1.78 -15.89
N VAL G 54 34.67 2.36 -15.44
CA VAL G 54 34.63 3.58 -14.66
C VAL G 54 35.66 4.52 -15.27
N THR G 55 35.31 5.79 -15.37
CA THR G 55 36.25 6.76 -15.92
C THR G 55 36.28 8.03 -15.09
N VAL G 56 37.40 8.73 -15.17
CA VAL G 56 37.57 9.99 -14.45
C VAL G 56 37.90 11.10 -15.45
N MET G 57 37.29 12.26 -15.24
CA MET G 57 37.55 13.42 -16.08
C MET G 57 37.68 14.61 -15.13
N ALA G 58 38.38 15.65 -15.57
CA ALA G 58 38.59 16.82 -14.73
C ALA G 58 38.48 18.13 -15.52
N GLY G 59 38.01 19.17 -14.84
CA GLY G 59 37.88 20.47 -15.45
C GLY G 59 37.41 21.51 -14.46
N ASN G 60 37.36 22.76 -14.90
CA ASN G 60 36.90 23.88 -14.09
C ASN G 60 36.76 25.09 -15.00
N ASP G 61 36.29 26.20 -14.45
CA ASP G 61 36.10 27.44 -15.22
C ASP G 61 37.22 27.73 -16.20
N GLU G 62 38.47 27.60 -15.76
CA GLU G 62 39.61 27.85 -16.66
C GLU G 62 39.76 26.73 -17.68
N ASN G 63 40.33 25.61 -17.25
CA ASN G 63 40.52 24.46 -18.15
C ASN G 63 39.29 23.57 -17.97
N TYR G 64 38.38 23.62 -18.94
CA TYR G 64 37.13 22.87 -18.86
C TYR G 64 37.24 21.36 -19.12
N SER G 65 38.42 20.88 -19.47
CA SER G 65 38.61 19.44 -19.70
C SER G 65 40.10 19.06 -19.73
N ALA G 66 40.68 18.98 -18.53
CA ALA G 66 42.09 18.66 -18.35
C ALA G 66 42.51 17.31 -18.92
N GLU G 67 43.75 17.25 -19.40
CA GLU G 67 44.28 16.00 -19.94
C GLU G 67 44.58 15.01 -18.78
N LEU G 68 44.19 13.76 -18.96
CA LEU G 68 44.41 12.76 -17.93
C LEU G 68 45.07 11.51 -18.50
N ARG G 69 45.79 10.82 -17.63
CA ARG G 69 46.49 9.60 -18.00
C ARG G 69 45.94 8.42 -17.22
N ASN G 70 45.66 7.34 -17.94
CA ASN G 70 45.12 6.13 -17.35
C ASN G 70 43.87 6.46 -16.54
N ALA G 71 42.91 7.14 -17.18
CA ALA G 71 41.71 7.53 -16.46
C ALA G 71 40.56 6.54 -16.62
N THR G 72 40.90 5.29 -16.91
CA THR G 72 39.91 4.23 -17.09
C THR G 72 40.21 3.00 -16.20
N ALA G 73 39.17 2.46 -15.57
CA ALA G 73 39.32 1.31 -14.69
C ALA G 73 38.01 0.52 -14.72
N ALA G 74 38.01 -0.64 -14.05
CA ALA G 74 36.83 -1.49 -14.01
C ALA G 74 36.56 -1.97 -12.59
N MET G 75 35.29 -2.12 -12.26
CA MET G 75 34.91 -2.58 -10.94
C MET G 75 35.32 -4.03 -10.66
N LYS G 76 35.74 -4.29 -9.43
CA LYS G 76 36.07 -5.63 -8.99
C LYS G 76 35.70 -5.59 -7.51
N ASN G 77 34.54 -6.17 -7.19
CA ASN G 77 34.00 -6.19 -5.84
C ASN G 77 33.77 -4.80 -5.30
N GLN G 78 33.00 -4.00 -6.05
CA GLN G 78 32.66 -2.66 -5.62
C GLN G 78 33.80 -1.66 -5.66
N VAL G 79 34.96 -2.07 -6.14
CA VAL G 79 36.08 -1.15 -6.20
C VAL G 79 36.72 -1.04 -7.58
N ALA G 80 36.85 0.19 -8.05
CA ALA G 80 37.47 0.45 -9.34
C ALA G 80 38.78 1.12 -8.99
N ARG G 81 39.87 0.38 -9.11
CA ARG G 81 41.19 0.89 -8.80
C ARG G 81 41.81 1.39 -10.09
N PHE G 82 42.24 2.65 -10.10
CA PHE G 82 42.86 3.23 -11.28
C PHE G 82 44.36 3.05 -11.28
N ASN G 83 44.86 2.41 -12.32
CA ASN G 83 46.28 2.14 -12.49
C ASN G 83 47.01 3.43 -12.93
N ASP G 84 47.79 3.99 -12.01
CA ASP G 84 48.58 5.19 -12.25
C ASP G 84 47.85 6.36 -12.91
N LEU G 85 46.72 6.75 -12.33
CA LEU G 85 45.95 7.88 -12.83
C LEU G 85 46.88 9.08 -12.78
N ARG G 86 46.82 9.95 -13.78
CA ARG G 86 47.70 11.12 -13.80
C ARG G 86 47.11 12.39 -14.41
N PHE G 87 47.20 13.49 -13.66
CA PHE G 87 46.72 14.78 -14.11
C PHE G 87 47.80 15.54 -14.87
N VAL G 88 47.72 15.51 -16.19
CA VAL G 88 48.67 16.22 -17.06
C VAL G 88 48.23 17.68 -17.22
N GLY G 89 46.99 17.88 -17.67
CA GLY G 89 46.50 19.24 -17.81
C GLY G 89 46.56 19.90 -16.44
N ARG G 90 46.65 21.23 -16.39
CA ARG G 90 46.71 21.92 -15.12
C ARG G 90 45.62 22.98 -14.98
N SER G 91 45.28 23.29 -13.73
CA SER G 91 44.26 24.30 -13.45
C SER G 91 44.95 25.66 -13.27
N GLY G 92 46.17 25.74 -13.77
CA GLY G 92 46.96 26.95 -13.68
C GLY G 92 46.75 27.83 -12.47
N ARG G 93 46.67 29.13 -12.71
CA ARG G 93 46.49 30.13 -11.66
C ARG G 93 45.02 30.26 -11.26
N GLY G 94 44.19 29.33 -11.71
CA GLY G 94 42.78 29.39 -11.40
C GLY G 94 42.34 28.39 -10.35
N LYS G 95 41.03 28.15 -10.29
CA LYS G 95 40.46 27.21 -9.33
C LYS G 95 41.06 25.81 -9.48
N SER G 96 40.70 24.91 -8.57
CA SER G 96 41.21 23.55 -8.64
C SER G 96 40.20 22.75 -9.48
N PHE G 97 40.55 21.52 -9.81
CA PHE G 97 39.68 20.67 -10.62
C PHE G 97 38.46 20.08 -9.94
N THR G 98 37.47 19.79 -10.75
CA THR G 98 36.26 19.14 -10.30
C THR G 98 36.37 17.82 -11.05
N LEU G 99 36.28 16.71 -10.33
CA LEU G 99 36.38 15.43 -10.99
C LEU G 99 34.99 14.94 -11.35
N THR G 100 34.91 14.26 -12.49
CA THR G 100 33.66 13.68 -12.90
C THR G 100 33.97 12.22 -13.02
N ILE G 101 33.34 11.44 -12.15
CA ILE G 101 33.51 10.00 -12.12
C ILE G 101 32.28 9.40 -12.79
N THR G 102 32.51 8.66 -13.87
CA THR G 102 31.41 8.01 -14.56
C THR G 102 31.50 6.50 -14.43
N VAL G 103 30.42 5.93 -13.89
CA VAL G 103 30.32 4.49 -13.71
C VAL G 103 29.35 4.04 -14.80
N PHE G 104 29.85 3.28 -15.77
CA PHE G 104 29.01 2.88 -16.87
C PHE G 104 28.01 1.74 -16.72
N THR G 105 27.01 1.96 -15.87
CA THR G 105 25.91 1.03 -15.70
C THR G 105 24.88 1.54 -16.73
N ASN G 106 23.66 1.00 -16.70
CA ASN G 106 22.64 1.41 -17.66
C ASN G 106 21.38 1.92 -17.01
N PRO G 107 21.18 3.25 -17.01
CA PRO G 107 22.06 4.28 -17.60
C PRO G 107 23.30 4.54 -16.74
N PRO G 108 24.21 5.37 -17.25
CA PRO G 108 25.44 5.68 -16.50
C PRO G 108 25.12 6.38 -15.18
N GLN G 109 26.01 6.22 -14.20
CA GLN G 109 25.86 6.88 -12.93
C GLN G 109 27.03 7.85 -12.86
N VAL G 110 26.74 9.10 -12.57
CA VAL G 110 27.82 10.08 -12.54
C VAL G 110 27.95 10.71 -11.19
N ALA G 111 29.21 10.87 -10.78
CA ALA G 111 29.51 11.45 -9.49
C ALA G 111 30.60 12.49 -9.64
N THR G 112 30.35 13.66 -9.09
CA THR G 112 31.33 14.72 -9.16
C THR G 112 32.03 14.83 -7.80
N TYR G 113 33.23 15.39 -7.84
CA TYR G 113 34.05 15.62 -6.66
C TYR G 113 34.61 17.03 -6.97
N HIS G 114 34.03 18.07 -6.34
CA HIS G 114 34.49 19.45 -6.57
C HIS G 114 35.70 19.83 -5.73
N ARG G 115 36.47 20.79 -6.23
CA ARG G 115 37.67 21.28 -5.55
C ARG G 115 38.44 20.09 -5.01
N ALA G 116 38.55 19.04 -5.83
CA ALA G 116 39.24 17.84 -5.42
C ALA G 116 40.75 18.01 -5.46
N ILE G 117 41.26 18.50 -6.57
CA ILE G 117 42.70 18.63 -6.69
C ILE G 117 43.14 19.83 -7.51
N LYS G 118 44.26 20.40 -7.10
CA LYS G 118 44.84 21.54 -7.80
C LYS G 118 46.11 21.00 -8.47
N ILE G 119 46.26 21.28 -9.75
CA ILE G 119 47.41 20.82 -10.51
C ILE G 119 48.16 21.99 -11.14
N THR G 120 49.42 22.14 -10.78
CA THR G 120 50.27 23.20 -11.33
C THR G 120 51.46 22.50 -11.94
N VAL G 121 52.31 23.26 -12.63
CA VAL G 121 53.47 22.67 -13.29
C VAL G 121 54.51 22.17 -12.28
N ASP G 122 54.57 22.82 -11.12
CA ASP G 122 55.53 22.42 -10.09
C ASP G 122 54.88 21.68 -8.92
N GLY G 123 53.67 22.11 -8.54
CA GLY G 123 52.98 21.50 -7.44
C GLY G 123 53.66 21.91 -6.16
N PRO G 124 53.37 21.26 -5.02
CA PRO G 124 54.02 21.63 -3.76
C PRO G 124 55.54 21.64 -3.92
N ARG G 125 56.23 22.36 -3.04
CA ARG G 125 57.69 22.48 -3.09
C ARG G 125 58.46 21.40 -2.33
N GLU G 126 58.92 21.74 -1.12
CA GLU G 126 59.67 20.80 -0.29
C GLU G 126 58.94 19.48 -0.06
N PRO H 1 19.79 2.33 -9.77
CA PRO H 1 21.04 2.14 -9.01
C PRO H 1 21.05 2.91 -7.68
N ARG H 2 21.46 4.17 -7.67
CA ARG H 2 21.43 4.93 -6.42
C ARG H 2 21.13 6.40 -6.55
N VAL H 3 20.14 6.82 -5.78
CA VAL H 3 19.67 8.18 -5.81
C VAL H 3 19.48 8.68 -4.39
N VAL H 4 19.50 10.00 -4.21
CA VAL H 4 19.26 10.56 -2.88
C VAL H 4 17.75 10.37 -2.66
N PRO H 5 17.29 10.40 -1.40
CA PRO H 5 15.86 10.23 -1.13
C PRO H 5 14.88 11.23 -1.77
N ASP H 6 15.32 12.47 -2.04
CA ASP H 6 14.45 13.47 -2.65
C ASP H 6 15.13 14.11 -3.88
N GLN H 7 15.13 13.38 -4.99
CA GLN H 7 15.77 13.83 -6.22
C GLN H 7 15.34 15.22 -6.72
N ARG H 8 14.02 15.40 -6.89
CA ARG H 8 13.50 16.67 -7.39
C ARG H 8 13.97 17.85 -6.55
N SER H 9 13.83 17.71 -5.23
CA SER H 9 14.24 18.75 -4.31
C SER H 9 15.71 19.09 -4.53
N LYS H 10 16.56 18.06 -4.61
CA LYS H 10 17.97 18.30 -4.81
C LYS H 10 18.24 18.98 -6.15
N PHE H 11 17.48 18.61 -7.17
CA PHE H 11 17.65 19.17 -8.50
C PHE H 11 17.27 20.65 -8.62
N GLU H 12 16.29 21.07 -7.84
CA GLU H 12 15.82 22.46 -7.88
C GLU H 12 16.57 23.41 -6.95
N ASN H 13 16.99 22.91 -5.79
CA ASN H 13 17.67 23.75 -4.80
C ASN H 13 19.20 23.84 -4.85
N GLU H 14 19.88 22.81 -5.33
CA GLU H 14 21.32 22.85 -5.35
C GLU H 14 21.94 23.60 -6.51
N GLU H 15 22.85 24.50 -6.17
CA GLU H 15 23.54 25.31 -7.14
C GLU H 15 24.09 24.48 -8.30
N PHE H 16 24.66 23.32 -7.99
CA PHE H 16 25.23 22.47 -9.04
C PHE H 16 24.28 22.23 -10.19
N PHE H 17 23.06 21.84 -9.86
CA PHE H 17 22.05 21.58 -10.88
C PHE H 17 21.48 22.85 -11.50
N ARG H 18 21.16 23.84 -10.66
CA ARG H 18 20.60 25.09 -11.13
C ARG H 18 21.51 25.77 -12.16
N LYS H 19 22.80 25.83 -11.87
CA LYS H 19 23.73 26.45 -12.80
C LYS H 19 23.82 25.64 -14.08
N LEU H 20 23.10 24.53 -14.12
CA LEU H 20 23.09 23.64 -15.27
C LEU H 20 21.69 23.40 -15.81
N SER H 21 20.68 23.96 -15.17
CA SER H 21 19.29 23.78 -15.60
C SER H 21 18.91 24.59 -16.84
N ARG H 22 19.67 25.65 -17.12
CA ARG H 22 19.40 26.49 -18.28
C ARG H 22 20.45 26.32 -19.37
N GLU H 23 20.02 26.44 -20.61
CA GLU H 23 20.92 26.30 -21.75
C GLU H 23 22.22 27.05 -21.56
N CYS H 24 23.33 26.37 -21.75
CA CYS H 24 24.64 27.00 -21.62
C CYS H 24 25.68 26.35 -22.50
N GLU H 25 26.75 27.10 -22.75
CA GLU H 25 27.80 26.62 -23.63
C GLU H 25 28.32 25.24 -23.27
N ILE H 26 28.19 24.33 -24.24
CA ILE H 26 28.70 22.97 -24.09
C ILE H 26 29.70 22.82 -25.21
N LYS H 27 30.57 21.82 -25.11
CA LYS H 27 31.57 21.64 -26.14
C LYS H 27 32.13 20.22 -26.15
N TYR H 28 32.14 19.61 -27.32
CA TYR H 28 32.70 18.27 -27.47
C TYR H 28 34.13 18.36 -26.97
N THR H 29 34.54 17.38 -26.16
CA THR H 29 35.88 17.38 -25.62
C THR H 29 36.66 16.18 -26.12
N GLY H 30 36.00 15.36 -26.94
CA GLY H 30 36.65 14.18 -27.47
C GLY H 30 37.93 14.51 -28.21
N PHE H 31 38.75 13.49 -28.43
CA PHE H 31 40.04 13.63 -29.12
C PHE H 31 40.57 15.06 -29.08
N ARG H 32 40.70 15.60 -27.88
CA ARG H 32 41.17 16.97 -27.68
C ARG H 32 42.42 17.34 -28.49
N ASP H 33 43.36 16.34 -28.57
CA ASP H 33 44.66 16.54 -29.18
C ASP H 33 44.72 15.99 -30.58
N ARG H 34 44.06 16.72 -31.48
CA ARG H 34 43.92 16.29 -32.90
C ARG H 34 43.23 17.46 -33.73
N PRO H 35 43.62 17.41 -34.98
CA PRO H 35 43.07 18.36 -36.04
C PRO H 35 41.59 18.48 -36.03
N HIS H 36 41.08 19.70 -36.14
CA HIS H 36 39.64 19.96 -36.15
C HIS H 36 38.84 19.06 -37.10
N GLU H 37 39.30 18.90 -38.33
CA GLU H 37 38.60 18.06 -39.31
C GLU H 37 38.40 16.65 -38.76
N GLU H 38 39.50 16.06 -38.29
CA GLU H 38 39.50 14.70 -37.72
C GLU H 38 38.48 14.62 -36.57
N ARG H 39 38.57 15.58 -35.65
CA ARG H 39 37.66 15.62 -34.51
C ARG H 39 36.22 15.65 -35.00
N GLN H 40 35.96 16.48 -36.01
CA GLN H 40 34.61 16.59 -36.56
C GLN H 40 34.11 15.21 -36.98
N ALA H 41 35.00 14.41 -37.56
CA ALA H 41 34.62 13.06 -37.99
C ALA H 41 34.38 12.18 -36.76
N ARG H 42 35.27 12.27 -35.77
CA ARG H 42 35.16 11.49 -34.54
C ARG H 42 33.82 11.75 -33.87
N PHE H 43 33.58 13.03 -33.56
CA PHE H 43 32.34 13.44 -32.91
C PHE H 43 31.12 12.91 -33.62
N GLN H 44 31.13 13.03 -34.94
CA GLN H 44 29.99 12.57 -35.72
C GLN H 44 29.83 11.06 -35.71
N ASN H 45 30.94 10.35 -35.81
CA ASN H 45 30.89 8.90 -35.81
C ASN H 45 30.41 8.41 -34.45
N ALA H 46 30.93 9.03 -33.39
CA ALA H 46 30.55 8.68 -32.03
C ALA H 46 29.05 8.87 -31.84
N CYS H 47 28.52 9.99 -32.35
CA CYS H 47 27.09 10.29 -32.25
C CYS H 47 26.25 9.23 -32.93
N ARG H 48 26.72 8.72 -34.06
CA ARG H 48 25.97 7.69 -34.75
C ARG H 48 26.03 6.40 -33.95
N ASP H 49 27.02 6.30 -33.06
CA ASP H 49 27.17 5.12 -32.21
C ASP H 49 26.48 5.33 -30.87
N GLY H 50 25.93 6.54 -30.68
CA GLY H 50 25.21 6.86 -29.45
C GLY H 50 26.05 7.29 -28.27
N ARG H 51 27.29 7.72 -28.51
CA ARG H 51 28.13 8.15 -27.41
C ARG H 51 28.87 9.45 -27.66
N SER H 52 29.44 10.00 -26.62
CA SER H 52 30.21 11.23 -26.74
C SER H 52 30.62 11.82 -25.41
N GLU H 53 31.59 12.73 -25.47
CA GLU H 53 32.11 13.44 -24.31
C GLU H 53 31.83 14.94 -24.45
N ILE H 54 30.87 15.52 -23.64
CA ILE H 54 30.66 16.96 -23.89
C ILE H 54 30.65 17.65 -22.52
N ALA H 55 31.49 18.66 -22.35
CA ALA H 55 31.57 19.36 -21.08
C ALA H 55 30.83 20.69 -21.13
N PHE H 56 30.46 21.19 -19.96
CA PHE H 56 29.82 22.50 -19.88
C PHE H 56 31.04 23.38 -19.66
N VAL H 57 31.44 24.14 -20.69
CA VAL H 57 32.61 24.99 -20.65
C VAL H 57 32.72 25.98 -19.49
N ALA H 58 31.65 26.68 -19.18
CA ALA H 58 31.68 27.63 -18.09
C ALA H 58 32.17 27.02 -16.79
N THR H 59 31.53 25.94 -16.37
CA THR H 59 31.88 25.32 -15.10
C THR H 59 33.00 24.29 -15.24
N GLY H 60 33.22 23.76 -16.46
CA GLY H 60 34.26 22.75 -16.64
C GLY H 60 33.79 21.37 -16.23
N THR H 61 32.48 21.22 -16.06
CA THR H 61 31.91 19.93 -15.68
C THR H 61 31.81 19.04 -16.91
N ASN H 62 32.67 18.04 -16.97
CA ASN H 62 32.68 17.09 -18.08
C ASN H 62 31.63 16.01 -17.88
N LEU H 63 31.15 15.45 -18.99
CA LEU H 63 30.17 14.38 -18.95
C LEU H 63 30.39 13.43 -20.10
N SER H 64 30.27 12.14 -19.83
CA SER H 64 30.38 11.15 -20.88
C SER H 64 28.92 10.87 -21.09
N LEU H 65 28.45 10.93 -22.34
CA LEU H 65 27.04 10.72 -22.57
C LEU H 65 26.68 9.52 -23.44
N GLN H 66 25.57 8.88 -23.08
CA GLN H 66 25.06 7.75 -23.85
C GLN H 66 23.71 8.17 -24.42
N PHE H 67 23.60 8.18 -25.73
CA PHE H 67 22.37 8.58 -26.37
C PHE H 67 21.44 7.41 -26.60
N PHE H 68 20.97 6.84 -25.50
CA PHE H 68 20.06 5.71 -25.54
C PHE H 68 19.08 5.81 -24.38
N PRO H 69 17.93 5.13 -24.50
CA PRO H 69 16.96 5.18 -23.41
C PRO H 69 17.62 4.56 -22.16
N ALA H 70 17.33 5.11 -20.98
CA ALA H 70 17.90 4.61 -19.73
C ALA H 70 17.80 3.09 -19.61
N SER H 71 16.70 2.53 -20.12
CA SER H 71 16.47 1.08 -20.08
C SER H 71 17.39 0.32 -21.05
N TRP H 72 17.99 1.03 -21.99
CA TRP H 72 18.90 0.47 -23.00
C TRP H 72 18.48 0.85 -24.42
N ARG H 77 25.30 -3.41 -28.73
CA ARG H 77 25.37 -2.47 -29.84
C ARG H 77 24.03 -2.38 -30.58
N GLN H 78 23.67 -1.15 -30.93
CA GLN H 78 22.42 -0.85 -31.63
C GLN H 78 22.40 0.66 -31.89
N THR H 79 22.06 1.07 -33.12
CA THR H 79 22.04 2.48 -33.47
C THR H 79 20.92 3.25 -32.77
N PRO H 80 21.25 4.45 -32.25
CA PRO H 80 20.30 5.31 -31.55
C PRO H 80 19.19 5.85 -32.45
N SER H 81 18.00 6.03 -31.87
CA SER H 81 16.87 6.55 -32.62
C SER H 81 17.06 8.05 -32.83
N ARG H 82 16.11 8.68 -33.51
CA ARG H 82 16.17 10.11 -33.78
C ARG H 82 15.80 10.94 -32.57
N GLU H 83 15.28 10.28 -31.54
CA GLU H 83 14.88 10.96 -30.34
C GLU H 83 16.13 11.30 -29.53
N TYR H 84 17.14 10.45 -29.61
CA TYR H 84 18.38 10.67 -28.87
C TYR H 84 19.50 11.25 -29.72
N VAL H 85 19.41 11.07 -31.03
CA VAL H 85 20.40 11.60 -31.94
C VAL H 85 19.67 12.10 -33.18
N ASP H 86 19.49 13.41 -33.27
CA ASP H 86 18.76 14.00 -34.38
C ASP H 86 19.64 14.88 -35.28
N LEU H 87 19.91 14.40 -36.49
CA LEU H 87 20.71 15.15 -37.45
C LEU H 87 19.91 15.95 -38.44
N GLU H 88 18.63 15.49 -38.56
CA GLU H 88 17.80 16.18 -39.49
C GLU H 88 17.02 17.45 -38.60
N ARG H 89 16.26 17.48 -37.55
CA ARG H 89 15.75 18.92 -36.96
C ARG H 89 16.33 20.27 -37.43
N GLU H 90 17.66 20.39 -37.50
CA GLU H 90 18.31 21.62 -37.98
C GLU H 90 19.62 21.32 -38.66
N ALA H 91 19.64 21.39 -39.99
CA ALA H 91 20.84 21.12 -40.76
C ALA H 91 22.07 21.73 -40.11
N GLY H 92 23.21 21.10 -40.30
CA GLY H 92 24.44 21.60 -39.74
C GLY H 92 24.73 21.21 -38.31
N LYS H 93 23.73 20.73 -37.59
CA LYS H 93 23.94 20.32 -36.21
C LYS H 93 23.08 19.14 -35.76
N VAL H 94 23.43 18.59 -34.62
CA VAL H 94 22.72 17.45 -34.06
C VAL H 94 22.21 17.71 -32.65
N TYR H 95 20.97 17.29 -32.40
CA TYR H 95 20.36 17.43 -31.10
C TYR H 95 20.54 16.11 -30.35
N LEU H 96 21.04 16.19 -29.12
CA LEU H 96 21.32 15.00 -28.33
C LEU H 96 20.54 14.92 -27.02
N LYS H 97 20.16 13.70 -26.68
CA LYS H 97 19.43 13.42 -25.45
C LYS H 97 20.19 12.29 -24.75
N ALA H 98 20.50 12.48 -23.47
CA ALA H 98 21.24 11.45 -22.74
C ALA H 98 20.79 11.30 -21.29
N PRO H 99 20.31 10.10 -20.93
CA PRO H 99 19.84 9.80 -19.56
C PRO H 99 21.00 9.43 -18.67
N MET H 100 20.86 9.61 -17.37
CA MET H 100 21.93 9.27 -16.43
C MET H 100 21.52 9.61 -14.99
N ILE H 101 22.25 9.11 -14.01
CA ILE H 101 21.96 9.49 -12.63
C ILE H 101 23.16 10.35 -12.27
N LEU H 102 22.92 11.62 -12.03
CA LEU H 102 23.99 12.56 -11.70
C LEU H 102 23.88 12.95 -10.25
N ASN H 103 24.95 12.74 -9.51
CA ASN H 103 24.98 13.04 -8.08
C ASN H 103 23.68 12.64 -7.39
N GLY H 104 23.25 11.42 -7.66
CA GLY H 104 22.06 10.90 -7.02
C GLY H 104 20.69 11.29 -7.51
N VAL H 105 20.62 12.07 -8.57
CA VAL H 105 19.32 12.44 -9.09
C VAL H 105 19.22 12.06 -10.55
N CYS H 106 18.08 11.46 -10.93
CA CYS H 106 17.87 11.08 -12.31
C CYS H 106 17.66 12.31 -13.18
N VAL H 107 18.54 12.50 -14.14
CA VAL H 107 18.40 13.64 -15.04
C VAL H 107 18.52 13.23 -16.49
N ILE H 108 18.13 14.15 -17.37
CA ILE H 108 18.24 13.94 -18.80
C ILE H 108 19.04 15.14 -19.28
N TRP H 109 20.08 14.87 -20.05
CA TRP H 109 20.91 15.92 -20.61
C TRP H 109 20.40 16.11 -22.03
N LYS H 110 20.02 17.35 -22.36
CA LYS H 110 19.54 17.69 -23.70
C LYS H 110 20.36 18.85 -24.23
N GLY H 111 20.75 18.78 -25.49
CA GLY H 111 21.53 19.84 -26.08
C GLY H 111 21.80 19.58 -27.55
N TRP H 112 22.42 20.53 -28.22
CA TRP H 112 22.74 20.35 -29.63
C TRP H 112 24.18 20.79 -29.85
N ILE H 113 24.79 20.30 -30.91
CA ILE H 113 26.15 20.66 -31.22
C ILE H 113 26.33 20.96 -32.70
N ASP H 114 27.11 21.99 -32.98
CA ASP H 114 27.39 22.41 -34.34
C ASP H 114 28.39 21.42 -34.92
N LEU H 115 28.00 20.73 -35.99
CA LEU H 115 28.87 19.75 -36.61
C LEU H 115 30.17 20.36 -37.10
N GLN H 116 30.16 21.68 -37.26
CA GLN H 116 31.35 22.38 -37.74
C GLN H 116 32.18 22.85 -36.57
N ARG H 117 31.59 23.69 -35.73
CA ARG H 117 32.28 24.25 -34.57
C ARG H 117 32.54 23.26 -33.43
N LEU H 118 31.68 22.26 -33.31
CA LEU H 118 31.80 21.27 -32.25
C LEU H 118 31.51 21.91 -30.90
N ASP H 119 30.71 22.97 -30.92
CA ASP H 119 30.30 23.68 -29.73
C ASP H 119 28.79 23.67 -29.79
N GLY H 120 28.13 24.26 -28.80
CA GLY H 120 26.68 24.26 -28.81
C GLY H 120 26.08 24.66 -27.48
N MET H 121 24.80 24.36 -27.33
CA MET H 121 24.08 24.68 -26.11
C MET H 121 23.37 23.44 -25.57
N GLY H 122 23.31 23.32 -24.25
CA GLY H 122 22.65 22.18 -23.63
C GLY H 122 22.41 22.43 -22.15
N CYS H 123 21.61 21.57 -21.54
CA CYS H 123 21.32 21.70 -20.11
C CYS H 123 20.82 20.39 -19.52
N LEU H 124 20.64 20.38 -18.20
CA LEU H 124 20.16 19.21 -17.49
C LEU H 124 18.67 19.36 -17.21
N GLU H 125 17.96 18.25 -17.21
CA GLU H 125 16.53 18.25 -16.94
C GLU H 125 16.22 17.13 -15.96
N PHE H 126 15.32 17.40 -15.02
CA PHE H 126 14.93 16.40 -14.06
C PHE H 126 14.06 15.36 -14.77
N ASP H 127 14.42 14.08 -14.67
CA ASP H 127 13.65 13.01 -15.30
C ASP H 127 12.63 12.46 -14.31
N GLU H 128 11.45 13.07 -14.24
CA GLU H 128 10.39 12.64 -13.32
C GLU H 128 10.11 11.15 -13.36
N GLU H 129 9.94 10.61 -14.56
CA GLU H 129 9.62 9.21 -14.74
C GLU H 129 10.66 8.20 -14.24
N ARG H 130 11.90 8.34 -14.71
CA ARG H 130 12.95 7.42 -14.30
C ARG H 130 13.31 7.60 -12.82
N ALA H 131 13.07 8.80 -12.30
CA ALA H 131 13.35 9.09 -10.91
C ALA H 131 12.45 8.28 -9.98
N GLN H 132 11.16 8.26 -10.27
CA GLN H 132 10.21 7.54 -9.42
C GLN H 132 10.36 6.03 -9.47
N GLN H 133 11.06 5.52 -10.47
CA GLN H 133 11.27 4.09 -10.59
C GLN H 133 12.52 3.65 -9.82
N GLU H 134 13.30 4.63 -9.39
CA GLU H 134 14.51 4.37 -8.64
C GLU H 134 14.14 4.18 -7.17
N LEU I 13 -23.02 -39.20 22.98
CA LEU I 13 -23.90 -40.41 22.99
C LEU I 13 -25.32 -40.09 23.46
N VAL I 14 -26.26 -40.94 23.05
CA VAL I 14 -27.67 -40.78 23.41
C VAL I 14 -28.41 -42.11 23.34
N ARG I 15 -29.48 -42.23 24.11
CA ARG I 15 -30.28 -43.45 24.15
C ARG I 15 -31.25 -43.57 22.98
N THR I 16 -31.26 -44.74 22.36
CA THR I 16 -32.15 -45.02 21.23
C THR I 16 -33.49 -45.46 21.81
N ASP I 17 -34.46 -45.75 20.94
CA ASP I 17 -35.76 -46.20 21.43
C ASP I 17 -35.57 -47.55 22.12
N SER I 18 -34.42 -48.18 21.85
CA SER I 18 -34.07 -49.45 22.44
C SER I 18 -33.32 -49.20 23.74
N PRO I 19 -33.77 -49.82 24.84
CA PRO I 19 -33.13 -49.65 26.15
C PRO I 19 -31.82 -50.41 26.25
N ASN I 20 -31.39 -51.03 25.15
CA ASN I 20 -30.15 -51.80 25.16
C ASN I 20 -29.04 -51.18 24.31
N PHE I 21 -29.35 -50.11 23.59
CA PHE I 21 -28.34 -49.45 22.76
C PHE I 21 -28.28 -47.94 22.87
N LEU I 22 -27.07 -47.41 22.69
CA LEU I 22 -26.83 -45.98 22.71
C LEU I 22 -26.14 -45.66 21.39
N CYS I 23 -26.46 -44.51 20.80
CA CYS I 23 -25.82 -44.11 19.55
C CYS I 23 -25.40 -42.66 19.64
N SER I 24 -24.28 -42.33 19.00
CA SER I 24 -23.78 -40.96 18.99
C SER I 24 -24.74 -40.07 18.22
N VAL I 25 -24.97 -38.87 18.74
CA VAL I 25 -25.86 -37.92 18.08
C VAL I 25 -25.22 -37.42 16.78
N LEU I 26 -26.05 -37.18 15.78
CA LEU I 26 -25.56 -36.69 14.50
C LEU I 26 -25.97 -35.23 14.34
N PRO I 27 -25.33 -34.50 13.41
CA PRO I 27 -25.68 -33.10 13.21
C PRO I 27 -27.13 -33.01 12.75
N THR I 28 -27.87 -32.04 13.28
CA THR I 28 -29.27 -31.87 12.91
C THR I 28 -29.43 -31.83 11.39
N HIS I 29 -28.53 -31.09 10.73
CA HIS I 29 -28.55 -30.94 9.28
C HIS I 29 -27.14 -31.18 8.73
N TRP I 30 -27.01 -32.01 7.71
CA TRP I 30 -25.71 -32.27 7.13
C TRP I 30 -25.79 -32.35 5.61
N ARG I 31 -24.63 -32.47 4.98
CA ARG I 31 -24.52 -32.52 3.52
C ARG I 31 -24.42 -33.93 2.95
N CYS I 32 -25.08 -34.13 1.81
CA CYS I 32 -25.08 -35.41 1.12
C CYS I 32 -23.66 -35.86 0.78
N ASN I 33 -23.32 -37.06 1.24
CA ASN I 33 -22.01 -37.69 1.01
C ASN I 33 -20.81 -36.91 1.58
N LYS I 34 -21.06 -36.08 2.56
CA LYS I 34 -19.97 -35.31 3.19
C LYS I 34 -19.63 -35.95 4.53
N THR I 35 -18.38 -36.40 4.68
CA THR I 35 -17.93 -37.01 5.93
C THR I 35 -18.58 -36.35 7.14
N LEU I 36 -18.96 -37.17 8.11
CA LEU I 36 -19.62 -36.68 9.32
C LEU I 36 -18.67 -35.88 10.22
N PRO I 37 -19.23 -35.01 11.10
CA PRO I 37 -18.42 -34.20 12.01
C PRO I 37 -17.67 -35.16 12.93
N ILE I 38 -18.44 -36.07 13.53
CA ILE I 38 -17.92 -37.08 14.44
C ILE I 38 -18.13 -38.46 13.84
N ALA I 39 -17.36 -39.43 14.33
CA ALA I 39 -17.48 -40.81 13.86
C ALA I 39 -18.69 -41.43 14.56
N PHE I 40 -19.58 -42.01 13.77
CA PHE I 40 -20.78 -42.62 14.34
C PHE I 40 -20.45 -43.91 15.08
N LYS I 41 -20.95 -43.99 16.32
CA LYS I 41 -20.73 -45.15 17.17
C LYS I 41 -22.03 -45.65 17.76
N VAL I 42 -22.11 -46.96 17.95
CA VAL I 42 -23.28 -47.60 18.57
C VAL I 42 -22.76 -48.33 19.78
N VAL I 43 -23.24 -47.93 20.95
CA VAL I 43 -22.83 -48.55 22.22
C VAL I 43 -23.89 -49.53 22.72
N ALA I 44 -23.50 -50.78 22.87
CA ALA I 44 -24.40 -51.82 23.35
C ALA I 44 -24.36 -51.91 24.87
N LEU I 45 -25.52 -51.76 25.51
CA LEU I 45 -25.62 -51.85 26.97
C LEU I 45 -25.49 -53.29 27.41
N GLY I 46 -26.25 -54.17 26.76
CA GLY I 46 -26.19 -55.58 27.09
C GLY I 46 -25.06 -56.23 26.32
N ASP I 47 -24.24 -57.02 27.01
CA ASP I 47 -23.11 -57.70 26.38
C ASP I 47 -23.47 -58.36 25.06
N VAL I 48 -22.78 -57.94 24.00
CA VAL I 48 -22.99 -58.48 22.67
C VAL I 48 -21.66 -59.06 22.18
N PRO I 49 -21.70 -60.23 21.53
CA PRO I 49 -20.46 -60.85 21.03
C PRO I 49 -19.66 -59.98 20.06
N ASP I 50 -18.34 -60.07 20.15
CA ASP I 50 -17.48 -59.33 19.25
C ASP I 50 -17.69 -59.95 17.88
N GLY I 51 -17.59 -59.14 16.83
CA GLY I 51 -17.77 -59.66 15.49
C GLY I 51 -19.21 -59.59 15.05
N THR I 52 -20.11 -59.29 15.97
CA THR I 52 -21.53 -59.18 15.65
C THR I 52 -21.71 -57.97 14.74
N LEU I 53 -22.37 -58.17 13.61
CA LEU I 53 -22.59 -57.09 12.67
C LEU I 53 -23.70 -56.13 13.09
N VAL I 54 -23.44 -54.85 12.88
CA VAL I 54 -24.38 -53.79 13.20
C VAL I 54 -24.52 -52.91 11.96
N THR I 55 -25.75 -52.58 11.59
CA THR I 55 -25.94 -51.74 10.42
C THR I 55 -26.89 -50.59 10.73
N VAL I 56 -26.84 -49.57 9.87
CA VAL I 56 -27.70 -48.40 10.02
C VAL I 56 -28.46 -48.19 8.73
N MET I 57 -29.69 -47.71 8.85
CA MET I 57 -30.53 -47.44 7.70
C MET I 57 -31.21 -46.12 8.00
N ALA I 58 -31.51 -45.34 6.95
CA ALA I 58 -32.16 -44.05 7.14
C ALA I 58 -33.37 -43.91 6.23
N GLY I 59 -34.33 -43.10 6.66
CA GLY I 59 -35.52 -42.90 5.85
C GLY I 59 -36.55 -42.03 6.54
N ASN I 60 -37.61 -41.71 5.80
CA ASN I 60 -38.70 -40.88 6.31
C ASN I 60 -39.89 -40.98 5.36
N ASP I 61 -40.67 -39.90 5.28
CA ASP I 61 -41.83 -39.87 4.39
C ASP I 61 -41.37 -39.99 2.94
N GLU I 62 -40.76 -38.93 2.43
CA GLU I 62 -40.27 -38.91 1.04
C GLU I 62 -39.34 -40.10 0.77
N ASN I 63 -38.08 -39.97 1.16
CA ASN I 63 -37.12 -41.05 0.98
C ASN I 63 -37.37 -42.07 2.09
N TYR I 64 -37.60 -43.32 1.74
CA TYR I 64 -37.87 -44.35 2.73
C TYR I 64 -36.65 -45.18 3.14
N SER I 65 -35.69 -45.35 2.23
CA SER I 65 -34.48 -46.11 2.53
C SER I 65 -33.29 -45.42 1.88
N ALA I 66 -32.98 -44.24 2.38
CA ALA I 66 -31.87 -43.43 1.86
C ALA I 66 -30.58 -44.21 1.68
N GLU I 67 -29.84 -43.88 0.61
CA GLU I 67 -28.58 -44.54 0.31
C GLU I 67 -27.53 -44.10 1.32
N LEU I 68 -26.73 -45.05 1.81
CA LEU I 68 -25.71 -44.75 2.79
C LEU I 68 -24.38 -45.36 2.40
N ARG I 69 -23.30 -44.82 2.93
CA ARG I 69 -21.97 -45.33 2.66
C ARG I 69 -21.35 -45.74 3.99
N ASN I 70 -20.75 -46.93 4.01
CA ASN I 70 -20.12 -47.52 5.20
C ASN I 70 -21.09 -47.57 6.37
N ALA I 71 -22.25 -48.19 6.15
CA ALA I 71 -23.28 -48.30 7.19
C ALA I 71 -23.23 -49.63 7.91
N THR I 72 -22.15 -50.38 7.70
CA THR I 72 -21.98 -51.68 8.33
C THR I 72 -20.75 -51.64 9.24
N ALA I 73 -20.93 -52.10 10.47
CA ALA I 73 -19.84 -52.11 11.44
C ALA I 73 -19.91 -53.36 12.33
N ALA I 74 -18.75 -53.81 12.78
CA ALA I 74 -18.66 -54.98 13.65
C ALA I 74 -18.45 -54.46 15.08
N MET I 75 -19.17 -55.03 16.04
CA MET I 75 -19.05 -54.60 17.42
C MET I 75 -17.86 -55.18 18.16
N LYS I 76 -17.18 -54.33 18.92
CA LYS I 76 -16.02 -54.75 19.70
C LYS I 76 -16.03 -53.97 21.01
N ASN I 77 -16.02 -54.70 22.12
CA ASN I 77 -16.03 -54.11 23.45
C ASN I 77 -17.33 -53.35 23.75
N GLN I 78 -18.44 -53.83 23.18
CA GLN I 78 -19.77 -53.22 23.35
C GLN I 78 -19.90 -51.94 22.53
N VAL I 79 -18.90 -51.66 21.71
CA VAL I 79 -18.88 -50.47 20.87
C VAL I 79 -18.66 -50.79 19.40
N ALA I 80 -19.64 -50.46 18.57
CA ALA I 80 -19.56 -50.66 17.14
C ALA I 80 -19.40 -49.30 16.49
N ARG I 81 -18.16 -48.97 16.10
CA ARG I 81 -17.90 -47.67 15.50
C ARG I 81 -17.79 -47.75 13.99
N PHE I 82 -18.50 -46.85 13.30
CA PHE I 82 -18.50 -46.82 11.85
C PHE I 82 -17.40 -45.91 11.32
N ASN I 83 -16.50 -46.48 10.52
CA ASN I 83 -15.39 -45.73 9.96
C ASN I 83 -15.92 -44.84 8.82
N ASP I 84 -16.38 -43.65 9.19
CA ASP I 84 -16.94 -42.68 8.26
C ASP I 84 -18.25 -43.10 7.60
N LEU I 85 -19.34 -42.73 8.26
CA LEU I 85 -20.69 -43.03 7.77
C LEU I 85 -21.13 -41.82 6.95
N ARG I 86 -21.63 -42.08 5.74
CA ARG I 86 -22.08 -41.00 4.87
C ARG I 86 -23.48 -41.24 4.32
N PHE I 87 -24.25 -40.16 4.22
CA PHE I 87 -25.61 -40.25 3.72
C PHE I 87 -25.68 -39.79 2.26
N VAL I 88 -25.75 -40.77 1.35
CA VAL I 88 -25.85 -40.48 -0.08
C VAL I 88 -27.26 -39.97 -0.37
N GLY I 89 -28.26 -40.73 0.09
CA GLY I 89 -29.65 -40.34 -0.09
C GLY I 89 -29.88 -39.06 0.68
N ARG I 90 -30.98 -38.37 0.39
CA ARG I 90 -31.29 -37.12 1.06
C ARG I 90 -32.69 -37.09 1.65
N SER I 91 -32.86 -36.30 2.71
CA SER I 91 -34.17 -36.19 3.35
C SER I 91 -35.01 -35.15 2.61
N GLY I 92 -34.35 -34.35 1.77
CA GLY I 92 -35.05 -33.33 1.02
C GLY I 92 -35.91 -32.42 1.88
N ARG I 93 -37.12 -32.14 1.41
CA ARG I 93 -38.05 -31.28 2.14
C ARG I 93 -38.68 -32.06 3.30
N GLY I 94 -38.69 -33.38 3.17
CA GLY I 94 -39.27 -34.22 4.20
C GLY I 94 -38.54 -34.15 5.53
N LYS I 95 -39.14 -34.73 6.56
CA LYS I 95 -38.55 -34.73 7.89
C LYS I 95 -37.22 -35.47 7.86
N SER I 96 -36.37 -35.21 8.85
CA SER I 96 -35.07 -35.86 8.94
C SER I 96 -35.26 -37.36 8.88
N PHE I 97 -34.19 -38.08 8.61
CA PHE I 97 -34.26 -39.53 8.53
C PHE I 97 -34.39 -40.14 9.91
N THR I 98 -34.97 -41.33 9.96
CA THR I 98 -35.10 -42.05 11.21
C THR I 98 -34.11 -43.19 11.07
N LEU I 99 -33.11 -43.22 11.96
CA LEU I 99 -32.10 -44.26 11.91
C LEU I 99 -32.66 -45.60 12.39
N THR I 100 -32.14 -46.68 11.81
CA THR I 100 -32.55 -48.02 12.17
C THR I 100 -31.29 -48.84 12.43
N ILE I 101 -30.86 -48.86 13.69
CA ILE I 101 -29.68 -49.60 14.08
C ILE I 101 -30.09 -51.06 14.25
N THR I 102 -29.59 -51.93 13.38
CA THR I 102 -29.92 -53.34 13.47
C THR I 102 -28.71 -54.16 13.87
N VAL I 103 -28.67 -54.56 15.14
CA VAL I 103 -27.58 -55.36 15.69
C VAL I 103 -27.88 -56.81 15.37
N PHE I 104 -27.29 -57.29 14.29
CA PHE I 104 -27.48 -58.66 13.82
C PHE I 104 -27.10 -59.74 14.83
N THR I 105 -28.03 -60.02 15.73
CA THR I 105 -27.86 -61.06 16.73
C THR I 105 -28.75 -62.22 16.29
N ASN I 106 -28.94 -63.19 17.18
CA ASN I 106 -29.76 -64.35 16.88
C ASN I 106 -30.82 -64.56 17.97
N PRO I 107 -32.03 -63.99 17.79
CA PRO I 107 -32.49 -63.18 16.66
C PRO I 107 -31.91 -61.76 16.64
N PRO I 108 -32.23 -60.98 15.59
CA PRO I 108 -31.75 -59.60 15.47
C PRO I 108 -32.37 -58.59 16.42
N GLN I 109 -31.59 -57.59 16.79
CA GLN I 109 -32.04 -56.51 17.69
C GLN I 109 -32.10 -55.21 16.90
N VAL I 110 -33.12 -54.40 17.15
CA VAL I 110 -33.30 -53.14 16.43
C VAL I 110 -33.50 -51.94 17.35
N ALA I 111 -32.82 -50.84 17.02
CA ALA I 111 -32.91 -49.61 17.78
C ALA I 111 -33.20 -48.43 16.84
N THR I 112 -34.33 -47.77 17.06
CA THR I 112 -34.74 -46.64 16.25
C THR I 112 -34.33 -45.30 16.87
N TYR I 113 -34.07 -44.33 16.01
CA TYR I 113 -33.69 -42.99 16.44
C TYR I 113 -34.37 -42.00 15.49
N HIS I 114 -35.60 -41.61 15.83
CA HIS I 114 -36.38 -40.69 15.02
C HIS I 114 -35.84 -39.26 15.03
N ARG I 115 -36.16 -38.51 13.98
CA ARG I 115 -35.73 -37.11 13.85
C ARG I 115 -34.24 -36.98 14.13
N ALA I 116 -33.45 -37.85 13.51
CA ALA I 116 -32.01 -37.86 13.73
C ALA I 116 -31.15 -36.95 12.86
N ILE I 117 -31.53 -36.76 11.59
CA ILE I 117 -30.71 -35.94 10.73
C ILE I 117 -31.35 -35.63 9.37
N LYS I 118 -31.26 -34.37 8.96
CA LYS I 118 -31.80 -33.95 7.68
C LYS I 118 -30.62 -33.85 6.70
N ILE I 119 -30.79 -34.40 5.51
CA ILE I 119 -29.73 -34.36 4.52
C ILE I 119 -30.15 -33.70 3.22
N THR I 120 -29.31 -32.79 2.74
CA THR I 120 -29.57 -32.08 1.49
C THR I 120 -28.30 -32.06 0.68
N VAL I 121 -28.41 -31.63 -0.58
CA VAL I 121 -27.26 -31.55 -1.47
C VAL I 121 -26.23 -30.56 -0.93
N ASP I 122 -26.72 -29.50 -0.28
CA ASP I 122 -25.85 -28.47 0.29
C ASP I 122 -25.83 -28.53 1.83
N LEU J 13 -13.02 -43.73 22.32
CA LEU J 13 -13.10 -44.70 23.46
C LEU J 13 -12.04 -45.80 23.34
N VAL J 14 -11.64 -46.35 24.48
CA VAL J 14 -10.63 -47.40 24.52
C VAL J 14 -10.81 -48.22 25.80
N ARG J 15 -10.33 -49.47 25.77
CA ARG J 15 -10.43 -50.35 26.92
C ARG J 15 -9.38 -50.06 27.99
N THR J 16 -9.81 -50.11 29.24
CA THR J 16 -8.91 -49.88 30.37
C THR J 16 -8.33 -51.24 30.75
N ASP J 17 -7.43 -51.28 31.73
CA ASP J 17 -6.86 -52.56 32.14
C ASP J 17 -8.00 -53.40 32.72
N SER J 18 -9.22 -52.84 32.67
CA SER J 18 -10.42 -53.50 33.16
C SER J 18 -11.23 -54.07 32.00
N PRO J 19 -11.52 -55.39 32.06
CA PRO J 19 -12.29 -56.08 31.03
C PRO J 19 -13.79 -55.79 31.13
N ASN J 20 -14.13 -54.67 31.75
CA ASN J 20 -15.53 -54.27 31.92
C ASN J 20 -15.72 -52.77 31.72
N PHE J 21 -14.63 -52.05 31.44
CA PHE J 21 -14.73 -50.62 31.25
C PHE J 21 -13.97 -50.05 30.06
N LEU J 22 -14.52 -48.96 29.52
CA LEU J 22 -13.94 -48.25 28.40
C LEU J 22 -13.90 -46.77 28.82
N CYS J 23 -12.90 -46.05 28.34
CA CYS J 23 -12.78 -44.64 28.69
C CYS J 23 -12.29 -43.83 27.50
N SER J 24 -12.92 -42.69 27.26
CA SER J 24 -12.53 -41.81 26.16
C SER J 24 -11.04 -41.49 26.31
N VAL J 25 -10.33 -41.46 25.19
CA VAL J 25 -8.90 -41.17 25.21
C VAL J 25 -8.65 -39.69 25.54
N LEU J 26 -7.47 -39.41 26.07
CA LEU J 26 -7.07 -38.05 26.42
C LEU J 26 -5.82 -37.75 25.59
N PRO J 27 -5.58 -36.47 25.27
CA PRO J 27 -4.39 -36.12 24.49
C PRO J 27 -3.10 -36.55 25.17
N THR J 28 -2.11 -36.99 24.39
CA THR J 28 -0.84 -37.44 24.96
C THR J 28 -0.25 -36.38 25.87
N HIS J 29 -0.31 -35.12 25.43
CA HIS J 29 0.20 -34.00 26.20
C HIS J 29 -0.82 -32.86 26.30
N TRP J 30 -1.02 -32.34 27.51
CA TRP J 30 -1.97 -31.26 27.69
C TRP J 30 -1.44 -30.23 28.67
N ARG J 31 -2.25 -29.20 28.92
CA ARG J 31 -1.87 -28.10 29.80
C ARG J 31 -2.56 -28.17 31.16
N CYS J 32 -1.85 -27.70 32.18
CA CYS J 32 -2.35 -27.68 33.54
C CYS J 32 -3.57 -26.77 33.64
N ASN J 33 -4.63 -27.28 34.26
CA ASN J 33 -5.88 -26.55 34.47
C ASN J 33 -6.57 -26.05 33.19
N LYS J 34 -6.15 -26.56 32.04
CA LYS J 34 -6.77 -26.15 30.78
C LYS J 34 -7.83 -27.14 30.35
N THR J 35 -9.06 -26.66 30.16
CA THR J 35 -10.16 -27.51 29.73
C THR J 35 -9.69 -28.50 28.66
N LEU J 36 -10.12 -29.74 28.79
CA LEU J 36 -9.75 -30.79 27.84
C LEU J 36 -10.41 -30.56 26.48
N PRO J 37 -9.88 -31.19 25.43
CA PRO J 37 -10.44 -31.05 24.08
C PRO J 37 -11.84 -31.66 24.08
N ILE J 38 -11.90 -32.94 24.43
CA ILE J 38 -13.15 -33.69 24.50
C ILE J 38 -13.50 -33.95 25.96
N ALA J 39 -14.78 -34.12 26.24
CA ALA J 39 -15.22 -34.41 27.60
C ALA J 39 -14.82 -35.85 27.90
N PHE J 40 -14.46 -36.13 29.15
CA PHE J 40 -14.06 -37.48 29.51
C PHE J 40 -15.27 -38.33 29.88
N LYS J 41 -15.29 -39.56 29.37
CA LYS J 41 -16.38 -40.49 29.64
C LYS J 41 -15.87 -41.89 29.97
N VAL J 42 -16.60 -42.58 30.85
CA VAL J 42 -16.27 -43.95 31.22
C VAL J 42 -17.49 -44.79 30.84
N VAL J 43 -17.24 -45.80 30.00
CA VAL J 43 -18.30 -46.69 29.55
C VAL J 43 -18.22 -48.02 30.28
N ALA J 44 -19.31 -48.38 30.95
CA ALA J 44 -19.38 -49.63 31.70
C ALA J 44 -20.06 -50.71 30.86
N LEU J 45 -19.32 -51.78 30.57
CA LEU J 45 -19.85 -52.89 29.79
C LEU J 45 -20.94 -53.58 30.60
N GLY J 46 -20.55 -54.15 31.74
CA GLY J 46 -21.51 -54.83 32.60
C GLY J 46 -22.39 -53.82 33.30
N ASP J 47 -23.70 -53.99 33.20
CA ASP J 47 -24.67 -53.08 33.82
C ASP J 47 -24.27 -52.57 35.19
N VAL J 48 -24.35 -51.25 35.35
CA VAL J 48 -24.03 -50.58 36.60
C VAL J 48 -25.19 -49.69 36.98
N PRO J 49 -25.68 -49.78 38.23
CA PRO J 49 -26.81 -48.97 38.67
C PRO J 49 -26.61 -47.48 38.42
N ASP J 50 -27.66 -46.80 37.99
CA ASP J 50 -27.57 -45.36 37.75
C ASP J 50 -27.25 -44.74 39.10
N GLY J 51 -26.55 -43.61 39.09
CA GLY J 51 -26.21 -42.95 40.33
C GLY J 51 -24.91 -43.43 40.95
N THR J 52 -24.44 -44.61 40.54
CA THR J 52 -23.19 -45.15 41.06
C THR J 52 -22.07 -44.16 40.78
N LEU J 53 -21.55 -43.55 41.83
CA LEU J 53 -20.48 -42.57 41.67
C LEU J 53 -19.22 -43.15 41.05
N VAL J 54 -18.60 -42.34 40.19
CA VAL J 54 -17.36 -42.72 39.53
C VAL J 54 -16.39 -41.57 39.79
N THR J 55 -15.12 -41.90 39.92
CA THR J 55 -14.12 -40.88 40.18
C THR J 55 -12.82 -41.24 39.47
N VAL J 56 -12.02 -40.23 39.15
CA VAL J 56 -10.76 -40.46 38.48
C VAL J 56 -9.60 -39.91 39.31
N MET J 57 -8.43 -40.53 39.15
CA MET J 57 -7.23 -40.14 39.86
C MET J 57 -6.07 -40.37 38.89
N ALA J 58 -4.96 -39.66 39.10
CA ALA J 58 -3.80 -39.82 38.22
C ALA J 58 -2.52 -39.56 38.98
N GLY J 59 -1.42 -40.12 38.47
CA GLY J 59 -0.13 -39.94 39.10
C GLY J 59 0.95 -40.71 38.38
N ASN J 60 2.18 -40.61 38.89
CA ASN J 60 3.31 -41.32 38.31
C ASN J 60 4.46 -41.39 39.31
N ASP J 61 5.69 -41.50 38.81
CA ASP J 61 6.85 -41.58 39.68
C ASP J 61 6.94 -40.34 40.56
N GLU J 62 7.17 -39.18 39.95
CA GLU J 62 7.27 -37.92 40.67
C GLU J 62 5.94 -37.66 41.40
N ASN J 63 5.02 -37.00 40.72
CA ASN J 63 3.71 -36.71 41.30
C ASN J 63 2.94 -38.03 41.40
N TYR J 64 2.71 -38.51 42.62
CA TYR J 64 2.00 -39.77 42.83
C TYR J 64 0.47 -39.67 42.83
N SER J 65 -0.05 -38.46 43.03
CA SER J 65 -1.50 -38.26 43.05
C SER J 65 -1.85 -36.84 42.63
N ALA J 66 -1.69 -36.56 41.35
CA ALA J 66 -1.96 -35.24 40.76
C ALA J 66 -3.31 -34.65 41.13
N GLU J 67 -3.34 -33.33 41.33
CA GLU J 67 -4.57 -32.62 41.66
C GLU J 67 -5.42 -32.57 40.40
N LEU J 68 -6.74 -32.72 40.55
CA LEU J 68 -7.62 -32.69 39.41
C LEU J 68 -8.87 -31.89 39.71
N ARG J 69 -9.52 -31.41 38.65
CA ARG J 69 -10.75 -30.63 38.83
C ARG J 69 -11.89 -31.41 38.17
N ASN J 70 -12.98 -31.55 38.93
CA ASN J 70 -14.17 -32.28 38.48
C ASN J 70 -13.78 -33.72 38.07
N ALA J 71 -13.29 -34.48 39.04
CA ALA J 71 -12.86 -35.86 38.81
C ALA J 71 -13.90 -36.86 39.33
N THR J 72 -15.13 -36.41 39.47
CA THR J 72 -16.21 -37.25 39.95
C THR J 72 -17.43 -37.13 39.05
N ALA J 73 -18.02 -38.27 38.71
CA ALA J 73 -19.19 -38.30 37.85
C ALA J 73 -20.11 -39.47 38.20
N ALA J 74 -21.41 -39.19 38.30
CA ALA J 74 -22.41 -40.21 38.61
C ALA J 74 -22.78 -40.93 37.31
N MET J 75 -22.60 -42.24 37.30
CA MET J 75 -22.90 -43.04 36.11
C MET J 75 -24.38 -43.06 35.77
N LYS J 76 -24.67 -43.02 34.47
CA LYS J 76 -26.04 -43.03 33.97
C LYS J 76 -26.07 -43.65 32.58
N ASN J 77 -26.90 -44.68 32.41
CA ASN J 77 -27.04 -45.37 31.14
C ASN J 77 -25.72 -46.04 30.73
N GLN J 78 -24.98 -46.53 31.73
CA GLN J 78 -23.70 -47.20 31.52
C GLN J 78 -22.60 -46.20 31.14
N VAL J 79 -22.97 -44.92 31.07
CA VAL J 79 -22.01 -43.89 30.71
C VAL J 79 -21.99 -42.72 31.68
N ALA J 80 -20.91 -42.63 32.46
CA ALA J 80 -20.73 -41.56 33.42
C ALA J 80 -19.80 -40.53 32.76
N ARG J 81 -20.33 -39.36 32.46
CA ARG J 81 -19.53 -38.32 31.81
C ARG J 81 -19.10 -37.19 32.74
N PHE J 82 -17.81 -36.88 32.71
CA PHE J 82 -17.25 -35.81 33.53
C PHE J 82 -17.33 -34.48 32.78
N ASN J 83 -18.09 -33.55 33.33
CA ASN J 83 -18.26 -32.23 32.73
C ASN J 83 -17.03 -31.37 32.97
N ASP J 84 -16.13 -31.36 31.97
CA ASP J 84 -14.89 -30.59 32.04
C ASP J 84 -13.91 -31.08 33.11
N LEU J 85 -13.22 -32.17 32.79
CA LEU J 85 -12.23 -32.75 33.70
C LEU J 85 -10.92 -32.03 33.44
N ARG J 86 -10.28 -31.55 34.51
CA ARG J 86 -9.02 -30.85 34.38
C ARG J 86 -7.91 -31.39 35.27
N PHE J 87 -6.68 -31.29 34.78
CA PHE J 87 -5.52 -31.77 35.51
C PHE J 87 -4.70 -30.60 36.07
N VAL J 88 -4.92 -30.30 37.35
CA VAL J 88 -4.20 -29.22 38.02
C VAL J 88 -2.76 -29.67 38.27
N GLY J 89 -2.59 -30.90 38.74
CA GLY J 89 -1.26 -31.43 38.99
C GLY J 89 -0.56 -31.69 37.67
N ARG J 90 0.77 -31.75 37.71
CA ARG J 90 1.56 -31.97 36.50
C ARG J 90 2.35 -33.27 36.51
N SER J 91 2.61 -33.79 35.31
CA SER J 91 3.37 -35.03 35.15
C SER J 91 4.87 -34.71 35.05
N GLY J 92 5.19 -33.42 35.03
CA GLY J 92 6.57 -32.98 34.94
C GLY J 92 7.45 -33.82 34.03
N ARG J 93 8.69 -34.05 34.46
CA ARG J 93 9.65 -34.83 33.68
C ARG J 93 9.31 -36.34 33.67
N GLY J 94 8.55 -36.77 34.66
CA GLY J 94 8.18 -38.18 34.75
C GLY J 94 7.25 -38.66 33.66
N LYS J 95 6.97 -39.96 33.66
CA LYS J 95 6.08 -40.56 32.68
C LYS J 95 4.66 -40.04 32.88
N SER J 96 3.89 -39.99 31.79
CA SER J 96 2.52 -39.51 31.85
C SER J 96 1.76 -40.14 33.01
N PHE J 97 0.69 -39.49 33.42
CA PHE J 97 -0.13 -39.99 34.51
C PHE J 97 -0.85 -41.28 34.15
N THR J 98 -1.22 -42.01 35.18
CA THR J 98 -1.96 -43.25 35.01
C THR J 98 -3.26 -43.00 35.73
N LEU J 99 -4.36 -42.96 34.98
CA LEU J 99 -5.67 -42.73 35.58
C LEU J 99 -6.11 -43.94 36.39
N THR J 100 -7.10 -43.72 37.25
CA THR J 100 -7.65 -44.77 38.07
C THR J 100 -9.13 -44.49 38.26
N ILE J 101 -9.95 -45.09 37.40
CA ILE J 101 -11.38 -44.92 37.45
C ILE J 101 -11.90 -45.86 38.53
N THR J 102 -12.60 -45.29 39.52
CA THR J 102 -13.12 -46.09 40.61
C THR J 102 -14.64 -46.04 40.67
N VAL J 103 -15.28 -46.97 39.96
CA VAL J 103 -16.73 -47.06 39.95
C VAL J 103 -17.16 -47.52 41.32
N PHE J 104 -17.63 -46.57 42.12
CA PHE J 104 -18.06 -46.86 43.48
C PHE J 104 -19.25 -47.79 43.59
N THR J 105 -18.97 -49.08 43.45
CA THR J 105 -19.97 -50.14 43.56
C THR J 105 -19.75 -50.70 44.96
N ASN J 106 -20.48 -51.75 45.31
CA ASN J 106 -20.32 -52.39 46.61
C ASN J 106 -20.16 -53.90 46.45
N PRO J 107 -18.90 -54.39 46.41
CA PRO J 107 -17.64 -53.64 46.50
C PRO J 107 -17.30 -52.81 45.24
N PRO J 108 -16.27 -51.95 45.33
CA PRO J 108 -15.84 -51.11 44.22
C PRO J 108 -15.11 -51.82 43.07
N GLN J 109 -15.18 -51.23 41.89
CA GLN J 109 -14.53 -51.74 40.69
C GLN J 109 -13.50 -50.70 40.22
N VAL J 110 -12.25 -51.12 40.11
CA VAL J 110 -11.19 -50.21 39.69
C VAL J 110 -10.73 -50.45 38.26
N ALA J 111 -10.44 -49.37 37.55
CA ALA J 111 -9.99 -49.44 36.16
C ALA J 111 -8.77 -48.53 35.97
N THR J 112 -7.70 -49.11 35.43
CA THR J 112 -6.46 -48.37 35.19
C THR J 112 -6.22 -48.09 33.72
N TYR J 113 -5.49 -47.01 33.46
CA TYR J 113 -5.14 -46.61 32.10
C TYR J 113 -3.75 -46.01 32.18
N HIS J 114 -2.75 -46.81 31.86
CA HIS J 114 -1.35 -46.37 31.91
C HIS J 114 -0.98 -45.41 30.79
N ARG J 115 0.10 -44.65 31.00
CA ARG J 115 0.59 -43.70 30.01
C ARG J 115 -0.60 -43.02 29.33
N ALA J 116 -1.50 -42.48 30.15
CA ALA J 116 -2.71 -41.83 29.66
C ALA J 116 -2.58 -40.36 29.28
N ILE J 117 -1.72 -39.61 29.95
CA ILE J 117 -1.60 -38.19 29.66
C ILE J 117 -0.51 -37.45 30.44
N LYS J 118 0.29 -36.66 29.73
CA LYS J 118 1.34 -35.86 30.36
C LYS J 118 0.83 -34.44 30.53
N ILE J 119 1.10 -33.85 31.69
CA ILE J 119 0.65 -32.50 31.96
C ILE J 119 1.78 -31.59 32.42
N THR J 120 1.97 -30.49 31.69
CA THR J 120 3.00 -29.52 32.02
C THR J 120 2.31 -28.18 32.26
N VAL J 121 3.07 -27.21 32.74
CA VAL J 121 2.53 -25.87 33.00
C VAL J 121 2.06 -25.27 31.68
N ASP J 122 2.79 -25.58 30.61
CA ASP J 122 2.47 -25.09 29.26
C ASP J 122 1.81 -26.17 28.39
#